data_7SVD
#
_entry.id   7SVD
#
_cell.length_a   1.00
_cell.length_b   1.00
_cell.length_c   1.00
_cell.angle_alpha   90.00
_cell.angle_beta   90.00
_cell.angle_gamma   90.00
#
_symmetry.space_group_name_H-M   'P 1'
#
loop_
_entity.id
_entity.type
_entity.pdbx_description
1 polymer 'Cystic fibrosis transmembrane conductance regulator'
2 polymer 'Cystic fibrosis transmembrane conductance regulator'
3 non-polymer 'MAGNESIUM ION'
4 non-polymer "ADENOSINE-5'-TRIPHOSPHATE"
5 non-polymer DODECANE
6 non-polymer DECANE
7 non-polymer CHOLESTEROL
8 non-polymer Lumacaftor
9 non-polymer 'UNKNOWN ATOM OR ION'
10 water water
#
loop_
_entity_poly.entity_id
_entity_poly.type
_entity_poly.pdbx_seq_one_letter_code
_entity_poly.pdbx_strand_id
1 'polypeptide(L)'
;MQRSPLEKASVVSKLFFSWTRPILRKGYRQRLELSDIYQIPSVDSADNLSEKLEREWDRELASKKNPKLINALRRCFFWR
FMFYGIFLYLGEVTKAVQPLLLGRIIASYDPDNKEERSIAIYLGIGLCLLFIVRTLLLHPAIFGLHHIGMQMRIAMFSLI
YKKTLKLSSRVLDKISIGQLVSLLSNNLNKFDEGLALAHFVWIAPLQVALLMGLIWELLQASAFCGLGFLIVLALFQAGL
GRMMMKYRDQRAGKISERLVITSEMIENIQSVKAYCWEEAMEKMIENLRQTELKLTRKAAYVRYFNSSAFFFSGFFVVFL
SVLPYALIKGIILRKIFTTISFCIVLRMAVTRQFPWAVQTWYDSLGAINKIQDFLQKQEYKTLEYNLTTTEVVMENVTAF
WEEGFGELFEKAKQNNNNRKTSNGDDSLFFSNFSLLGTPVLKDINFKIERGQLLAVAGSTGAGKTSLLMVIMGELEPSEG
KIKHSGRISFCSQFSWIMPGTIKENIIFGVSYDEYRYRSVIKACQLEEDISKFAEKDNIVLGEGGITLSGGQRARISLAR
AVYKDADLYLLDSPFGYLDVLTEKEIFESCVCKLMANKTRILVTSKMEHLKKADKILILHEGSSYFYGTFSELQNLQPDF
SSKLMGCDSFDQFSAERRNSILTETLHRFSLEGDAPVSWTETKKQSFKQTGEFGEKRKNSILNPINSIRKFSIVQKTPLQ
MNGIEEDSDEPLERRLSLVPDSEQGEAILPRISVISTGPTLQARRRQSVLNLMTHSVNQGQNIHRKTTASTRKVSLAPQA
NLTELDIYSRRLSQETGLEISEEINEEDLKECFFDDMESIPAVTTWNTYLRYITVHKSLIFVLIWCLVIFLAEVAASLVV
LWLLGNTPLQDKGNSTHSRNNSYAVIITSTSSYYVFYIYVGVADTLLAMGFFRGLPLVHTLITVSKILHHKMLHSVLQAP
MSTLNTLKAGGILNRFSKDIAILDDLLPLTIFDFIQLLLIVIGAIAVVAVLQPYIFVATVPVIVAFIMLRAYFLQTSQQL
KQLESEGRSPIFTHLVTSLKGLWTLRAFGRQPYFETLFHKALNLHTANWFLYLSTLRWFQMRIEMIFVIFFIAVTFISIL
TTGEGEGRVGIILTLAMNIMSTLQWAVNSSIDVDSLMRSVSRVFKFIDMPTEGKPTKSTKPYKNGQLSKVMIIENSHVKK
DDIWPSGGQMTVKDLTAKYTEGGNAILENISFSISPGQRVGLLGRTGSGKSTLLSAFLRLLNTEGEIQIDGVSWDSITLQ
QWRKAFGVIPQKVFIFSGTFRKNLDPYEQWSDQEIWKVADEVGLRSVIEQFPGKLDFVLVDGGCVLSHGHKQLMCLARSV
LSKAKILLLDQPSAHLDPVTYQIIRRTLKQAFADCTVILCEHRIEAMLECQQFLVIEENKVRQYDSIQKLLNERSLFRQA
ISPSDRVKLFPHRNSSKCKSKPQIAALKEETEEEVQDTRL
;
A
2 'polypeptide(L)'
;(UNK)(UNK)(UNK)(UNK)(UNK)(UNK)(UNK)(UNK)(UNK)(UNK)(UNK)(UNK)(UNK)(UNK)(UNK)(UNK)
(UNK)
;
B
#
# COMPACT_ATOMS: atom_id res chain seq x y z
N MET A 1 25.08 -0.99 -11.05
CA MET A 1 24.77 0.43 -11.07
C MET A 1 26.02 1.28 -11.23
N GLN A 2 25.97 2.22 -12.17
CA GLN A 2 27.04 3.20 -12.30
C GLN A 2 26.95 4.22 -11.16
N ARG A 3 28.02 4.99 -11.01
CA ARG A 3 28.12 5.88 -9.86
C ARG A 3 27.20 7.08 -10.02
N SER A 4 26.92 7.74 -8.90
CA SER A 4 26.13 8.95 -8.92
C SER A 4 26.96 10.11 -9.47
N PRO A 5 26.38 10.95 -10.34
CA PRO A 5 27.14 12.08 -10.87
C PRO A 5 27.34 13.20 -9.87
N LEU A 6 26.65 13.17 -8.73
CA LEU A 6 26.82 14.15 -7.68
C LEU A 6 28.03 13.85 -6.80
N GLU A 7 28.69 12.71 -6.98
CA GLU A 7 29.87 12.40 -6.19
C GLU A 7 31.08 13.19 -6.67
N LYS A 8 31.21 13.38 -7.99
CA LYS A 8 32.26 14.21 -8.58
C LYS A 8 31.59 15.26 -9.45
N ALA A 9 31.59 16.50 -8.98
CA ALA A 9 30.92 17.60 -9.69
C ALA A 9 31.67 18.89 -9.38
N SER A 10 31.04 20.02 -9.67
CA SER A 10 31.62 21.33 -9.44
C SER A 10 30.64 22.19 -8.65
N VAL A 11 31.17 23.21 -7.98
CA VAL A 11 30.31 24.13 -7.23
C VAL A 11 29.38 24.86 -8.19
N VAL A 12 29.92 25.38 -9.29
CA VAL A 12 29.11 26.05 -10.29
C VAL A 12 28.15 25.06 -10.94
N SER A 13 28.46 23.77 -10.88
CA SER A 13 27.56 22.75 -11.40
C SER A 13 26.52 22.32 -10.36
N LYS A 14 26.90 22.25 -9.10
CA LYS A 14 25.93 21.95 -8.05
C LYS A 14 24.97 23.09 -7.82
N LEU A 15 25.33 24.32 -8.22
CA LEU A 15 24.42 25.45 -8.05
C LEU A 15 23.29 25.45 -9.07
N PHE A 16 23.52 24.93 -10.27
CA PHE A 16 22.51 24.95 -11.33
C PHE A 16 21.97 23.57 -11.69
N PHE A 17 22.37 22.53 -10.96
CA PHE A 17 21.90 21.15 -11.21
C PHE A 17 22.24 20.68 -12.63
N SER A 18 23.44 21.05 -13.10
CA SER A 18 23.87 20.65 -14.43
C SER A 18 24.09 19.15 -14.57
N TRP A 19 24.43 18.47 -13.47
CA TRP A 19 24.74 17.04 -13.52
C TRP A 19 23.55 16.18 -13.94
N THR A 20 22.33 16.72 -13.90
CA THR A 20 21.14 16.02 -14.34
C THR A 20 20.94 16.08 -15.85
N ARG A 21 21.78 16.83 -16.56
CA ARG A 21 21.63 16.92 -18.02
C ARG A 21 21.79 15.59 -18.75
N PRO A 22 22.79 14.74 -18.46
CA PRO A 22 23.00 13.55 -19.30
C PRO A 22 21.79 12.65 -19.43
N ILE A 23 20.98 12.50 -18.38
CA ILE A 23 19.76 11.72 -18.50
C ILE A 23 18.66 12.49 -19.22
N LEU A 24 18.55 13.80 -18.97
CA LEU A 24 17.50 14.59 -19.60
C LEU A 24 17.65 14.62 -21.12
N ARG A 25 18.89 14.67 -21.63
CA ARG A 25 19.07 14.67 -23.08
C ARG A 25 18.76 13.30 -23.67
N LYS A 26 18.70 12.26 -22.85
CA LYS A 26 18.51 10.92 -23.39
C LYS A 26 17.06 10.47 -23.32
N GLY A 27 16.42 10.66 -22.17
CA GLY A 27 15.04 10.23 -22.01
C GLY A 27 14.11 10.96 -22.96
N TYR A 28 14.59 12.06 -23.54
CA TYR A 28 13.83 12.76 -24.56
C TYR A 28 13.73 11.96 -25.84
N ARG A 29 14.82 11.33 -26.27
CA ARG A 29 14.80 10.62 -27.55
C ARG A 29 14.21 9.22 -27.39
N GLN A 30 14.83 8.38 -26.57
CA GLN A 30 14.44 6.98 -26.45
C GLN A 30 13.82 6.72 -25.07
N ARG A 31 13.51 5.47 -24.78
CA ARG A 31 13.03 5.06 -23.47
C ARG A 31 14.21 4.97 -22.50
N LEU A 32 13.92 4.90 -21.20
CA LEU A 32 14.93 4.90 -20.15
C LEU A 32 15.25 3.45 -19.79
N GLU A 33 16.40 2.97 -20.25
CA GLU A 33 16.82 1.61 -19.98
C GLU A 33 17.31 1.47 -18.54
N LEU A 34 17.49 0.22 -18.11
CA LEU A 34 17.93 -0.06 -16.75
C LEU A 34 19.32 0.50 -16.47
N SER A 35 20.19 0.52 -17.48
CA SER A 35 21.59 0.89 -17.26
C SER A 35 21.78 2.36 -16.99
N ASP A 36 20.70 3.12 -16.76
CA ASP A 36 20.76 4.56 -16.68
C ASP A 36 20.37 5.13 -15.33
N ILE A 37 19.99 4.28 -14.38
CA ILE A 37 19.70 4.73 -13.02
C ILE A 37 21.00 4.76 -12.24
N TYR A 38 21.26 5.87 -11.56
CA TYR A 38 22.50 6.04 -10.81
C TYR A 38 22.37 5.44 -9.42
N GLN A 39 23.50 5.01 -8.87
CA GLN A 39 23.58 4.57 -7.49
C GLN A 39 23.35 5.75 -6.56
N ILE A 40 22.73 5.48 -5.41
CA ILE A 40 22.40 6.52 -4.44
C ILE A 40 23.68 7.04 -3.80
N PRO A 41 23.70 8.27 -3.28
CA PRO A 41 24.86 8.72 -2.52
C PRO A 41 25.01 7.91 -1.23
N SER A 42 26.25 7.79 -0.78
CA SER A 42 26.52 7.03 0.44
C SER A 42 25.86 7.66 1.65
N VAL A 43 25.64 8.97 1.63
CA VAL A 43 24.98 9.65 2.73
C VAL A 43 23.49 9.28 2.81
N ASP A 44 22.91 8.81 1.71
CA ASP A 44 21.49 8.48 1.64
C ASP A 44 21.24 6.99 1.67
N SER A 45 22.08 6.23 2.36
CA SER A 45 21.90 4.80 2.50
C SER A 45 21.20 4.49 3.81
N ALA A 46 20.37 3.44 3.80
CA ALA A 46 19.54 3.14 4.96
C ALA A 46 20.36 2.74 6.17
N ASP A 47 21.52 2.11 5.97
CA ASP A 47 22.31 1.64 7.11
C ASP A 47 22.82 2.81 7.96
N ASN A 48 23.40 3.82 7.31
CA ASN A 48 24.00 4.93 8.06
C ASN A 48 22.95 5.71 8.82
N LEU A 49 21.89 6.13 8.13
CA LEU A 49 20.83 6.89 8.79
C LEU A 49 20.17 6.06 9.89
N SER A 50 19.91 4.78 9.61
CA SER A 50 19.29 3.91 10.59
C SER A 50 20.13 3.83 11.86
N GLU A 51 21.42 3.54 11.74
CA GLU A 51 22.25 3.39 12.93
C GLU A 51 22.41 4.71 13.67
N LYS A 52 22.50 5.83 12.94
CA LYS A 52 22.69 7.12 13.59
C LYS A 52 21.45 7.51 14.42
N LEU A 53 20.27 7.44 13.80
CA LEU A 53 19.05 7.73 14.55
C LEU A 53 18.82 6.73 15.67
N GLU A 54 19.18 5.46 15.45
CA GLU A 54 19.00 4.45 16.49
C GLU A 54 19.87 4.74 17.70
N ARG A 55 21.12 5.15 17.46
CA ARG A 55 22.01 5.50 18.58
C ARG A 55 21.45 6.69 19.36
N GLU A 56 21.00 7.72 18.64
CA GLU A 56 20.45 8.89 19.33
C GLU A 56 19.19 8.53 20.14
N TRP A 57 18.32 7.71 19.55
CA TRP A 57 17.09 7.32 20.24
C TRP A 57 17.38 6.47 21.46
N ASP A 58 18.37 5.58 21.36
CA ASP A 58 18.71 4.75 22.52
C ASP A 58 19.31 5.59 23.64
N ARG A 59 20.13 6.58 23.30
CA ARG A 59 20.64 7.47 24.34
C ARG A 59 19.50 8.24 25.00
N GLU A 60 18.53 8.71 24.20
CA GLU A 60 17.38 9.41 24.76
C GLU A 60 16.59 8.51 25.71
N LEU A 61 16.32 7.28 25.29
CA LEU A 61 15.60 6.34 26.15
C LEU A 61 16.35 6.06 27.45
N ALA A 62 17.66 5.88 27.36
CA ALA A 62 18.44 5.52 28.54
C ALA A 62 18.57 6.66 29.52
N SER A 63 18.83 7.88 29.05
CA SER A 63 19.18 8.94 29.98
C SER A 63 17.97 9.60 30.63
N LYS A 64 16.97 9.97 29.84
CA LYS A 64 15.91 10.84 30.29
C LYS A 64 14.71 10.05 30.81
N LYS A 65 13.98 10.65 31.75
CA LYS A 65 12.77 10.01 32.28
C LYS A 65 11.62 10.09 31.29
N ASN A 66 11.50 11.22 30.58
CA ASN A 66 10.50 11.37 29.52
C ASN A 66 11.19 11.41 28.17
N PRO A 67 11.38 10.28 27.50
CA PRO A 67 11.99 10.32 26.17
C PRO A 67 11.01 10.86 25.13
N LYS A 68 11.59 11.48 24.09
CA LYS A 68 10.82 12.03 22.99
C LYS A 68 11.59 11.86 21.69
N LEU A 69 10.88 11.50 20.63
CA LEU A 69 11.53 11.35 19.32
C LEU A 69 12.02 12.67 18.78
N ILE A 70 11.27 13.76 19.01
CA ILE A 70 11.69 15.05 18.46
C ILE A 70 13.03 15.49 19.04
N ASN A 71 13.29 15.13 20.30
CA ASN A 71 14.58 15.43 20.91
C ASN A 71 15.73 14.65 20.28
N ALA A 72 15.42 13.54 19.60
CA ALA A 72 16.45 12.74 18.95
C ALA A 72 16.68 13.14 17.49
N LEU A 73 15.64 13.61 16.80
CA LEU A 73 15.81 14.16 15.47
C LEU A 73 16.43 15.55 15.52
N ARG A 74 16.20 16.27 16.62
CA ARG A 74 16.77 17.59 16.80
C ARG A 74 18.29 17.53 16.89
N ARG A 75 18.83 16.46 17.45
CA ARG A 75 20.27 16.31 17.58
C ARG A 75 20.92 15.77 16.31
N CYS A 76 20.14 15.48 15.28
CA CYS A 76 20.67 15.03 14.00
C CYS A 76 20.50 16.02 12.86
N PHE A 77 19.40 16.78 12.82
CA PHE A 77 19.10 17.57 11.63
C PHE A 77 18.93 19.07 11.87
N PHE A 78 19.03 19.54 13.12
CA PHE A 78 18.64 20.91 13.42
C PHE A 78 19.55 21.94 12.76
N TRP A 79 20.86 21.73 12.80
CA TRP A 79 21.76 22.77 12.33
C TRP A 79 21.68 22.94 10.82
N ARG A 80 21.52 21.85 10.08
CA ARG A 80 21.27 21.97 8.64
C ARG A 80 19.93 22.62 8.35
N PHE A 81 18.90 22.25 9.13
CA PHE A 81 17.59 22.88 8.99
C PHE A 81 17.71 24.39 9.09
N MET A 82 18.37 24.86 10.16
CA MET A 82 18.51 26.30 10.40
C MET A 82 19.51 26.94 9.44
N PHE A 83 20.42 26.16 8.86
CA PHE A 83 21.32 26.68 7.84
C PHE A 83 20.57 27.02 6.55
N TYR A 84 19.64 26.15 6.14
CA TYR A 84 18.90 26.42 4.91
C TYR A 84 17.76 27.41 5.13
N GLY A 85 17.20 27.48 6.34
CA GLY A 85 16.12 28.42 6.59
C GLY A 85 16.55 29.87 6.42
N ILE A 86 17.79 30.19 6.79
CA ILE A 86 18.27 31.56 6.67
C ILE A 86 18.37 32.00 5.21
N PHE A 87 18.87 31.13 4.34
CA PHE A 87 18.92 31.47 2.92
C PHE A 87 17.52 31.55 2.33
N LEU A 88 16.61 30.69 2.79
CA LEU A 88 15.22 30.82 2.36
C LEU A 88 14.65 32.18 2.72
N TYR A 89 14.90 32.64 3.95
CA TYR A 89 14.39 33.94 4.39
C TYR A 89 15.02 35.07 3.58
N LEU A 90 16.32 35.00 3.31
CA LEU A 90 16.96 36.04 2.51
C LEU A 90 16.38 36.08 1.10
N GLY A 91 16.09 34.92 0.52
CA GLY A 91 15.40 34.90 -0.76
C GLY A 91 14.00 35.50 -0.68
N GLU A 92 13.31 35.29 0.44
CA GLU A 92 11.96 35.81 0.57
C GLU A 92 11.91 37.31 0.83
N VAL A 93 12.95 37.89 1.44
CA VAL A 93 12.92 39.33 1.71
C VAL A 93 13.18 40.12 0.43
N THR A 94 13.72 39.47 -0.60
CA THR A 94 13.90 40.12 -1.90
C THR A 94 12.56 40.51 -2.52
N LYS A 95 11.56 39.63 -2.43
CA LYS A 95 10.27 39.86 -3.09
C LYS A 95 9.53 41.07 -2.55
N ALA A 96 9.91 41.59 -1.39
CA ALA A 96 9.17 42.65 -0.74
C ALA A 96 9.69 44.04 -1.07
N VAL A 97 10.96 44.17 -1.47
CA VAL A 97 11.52 45.47 -1.81
C VAL A 97 11.59 45.62 -3.33
N GLN A 98 11.09 44.63 -4.05
CA GLN A 98 11.02 44.72 -5.51
C GLN A 98 10.16 45.90 -5.97
N PRO A 99 8.98 46.13 -5.37
CA PRO A 99 8.22 47.33 -5.75
C PRO A 99 8.98 48.62 -5.54
N LEU A 100 9.87 48.69 -4.54
CA LEU A 100 10.61 49.92 -4.28
C LEU A 100 11.46 50.33 -5.48
N LEU A 101 11.76 49.41 -6.40
CA LEU A 101 12.47 49.73 -7.62
C LEU A 101 11.56 49.73 -8.84
N LEU A 102 10.67 48.75 -8.94
CA LEU A 102 9.82 48.64 -10.13
C LEU A 102 8.83 49.79 -10.20
N GLY A 103 8.35 50.29 -9.06
CA GLY A 103 7.44 51.42 -9.09
C GLY A 103 8.09 52.69 -9.59
N ARG A 104 9.32 52.96 -9.15
CA ARG A 104 10.06 54.10 -9.69
C ARG A 104 10.33 53.93 -11.17
N ILE A 105 10.65 52.72 -11.62
CA ILE A 105 10.86 52.52 -13.05
C ILE A 105 9.58 52.79 -13.83
N ILE A 106 8.45 52.28 -13.34
CA ILE A 106 7.18 52.45 -14.05
C ILE A 106 6.74 53.91 -14.06
N ALA A 107 7.00 54.64 -12.97
CA ALA A 107 6.55 56.03 -12.87
C ALA A 107 7.36 56.99 -13.75
N SER A 108 8.45 56.53 -14.37
CA SER A 108 9.25 57.38 -15.23
C SER A 108 8.70 57.47 -16.64
N TYR A 109 7.63 56.74 -16.95
CA TYR A 109 6.97 56.85 -18.24
C TYR A 109 6.03 58.05 -18.32
N ASP A 110 5.88 58.80 -17.23
CA ASP A 110 5.05 59.98 -17.16
C ASP A 110 5.94 61.21 -17.27
N PRO A 111 5.86 61.99 -18.35
CA PRO A 111 6.80 63.11 -18.52
C PRO A 111 6.68 64.18 -17.44
N ASP A 112 5.58 64.22 -16.69
CA ASP A 112 5.41 65.16 -15.60
C ASP A 112 6.03 64.67 -14.30
N ASN A 113 6.78 63.57 -14.36
CA ASN A 113 7.51 63.02 -13.22
C ASN A 113 8.99 63.13 -13.54
N LYS A 114 9.57 64.31 -13.28
CA LYS A 114 10.91 64.60 -13.72
C LYS A 114 11.99 64.10 -12.77
N GLU A 115 11.64 63.80 -11.52
CA GLU A 115 12.65 63.46 -10.53
C GLU A 115 13.17 62.03 -10.70
N GLU A 116 12.30 61.10 -11.06
CA GLU A 116 12.66 59.69 -11.17
C GLU A 116 13.15 59.31 -12.56
N ARG A 117 13.08 60.22 -13.53
CA ARG A 117 13.67 59.96 -14.84
C ARG A 117 15.17 60.18 -14.84
N SER A 118 15.71 60.83 -13.81
CA SER A 118 17.15 61.00 -13.70
C SER A 118 17.85 59.70 -13.30
N ILE A 119 17.26 58.96 -12.36
CA ILE A 119 17.93 57.83 -11.73
C ILE A 119 17.43 56.48 -12.28
N ALA A 120 16.82 56.48 -13.45
CA ALA A 120 16.25 55.24 -13.98
C ALA A 120 17.31 54.21 -14.29
N ILE A 121 18.45 54.65 -14.84
CA ILE A 121 19.48 53.71 -15.30
C ILE A 121 20.18 52.98 -14.16
N TYR A 122 20.10 53.49 -12.93
CA TYR A 122 20.59 52.75 -11.77
C TYR A 122 19.52 51.88 -11.12
N LEU A 123 18.26 52.31 -11.15
CA LEU A 123 17.18 51.45 -10.69
C LEU A 123 17.09 50.18 -11.54
N GLY A 124 17.31 50.31 -12.85
CA GLY A 124 17.32 49.12 -13.70
C GLY A 124 18.41 48.14 -13.32
N ILE A 125 19.61 48.65 -13.03
CA ILE A 125 20.72 47.78 -12.65
C ILE A 125 20.42 47.11 -11.30
N GLY A 126 19.90 47.88 -10.35
CA GLY A 126 19.51 47.28 -9.08
C GLY A 126 18.47 46.19 -9.25
N LEU A 127 17.49 46.42 -10.13
CA LEU A 127 16.46 45.42 -10.37
C LEU A 127 17.06 44.15 -10.99
N CYS A 128 17.98 44.31 -11.94
CA CYS A 128 18.62 43.13 -12.54
C CYS A 128 19.43 42.36 -11.50
N LEU A 129 20.15 43.07 -10.63
CA LEU A 129 20.92 42.38 -9.59
C LEU A 129 20.00 41.65 -8.61
N LEU A 130 18.89 42.27 -8.24
CA LEU A 130 17.95 41.64 -7.33
C LEU A 130 17.35 40.38 -7.93
N PHE A 131 16.96 40.44 -9.21
CA PHE A 131 16.44 39.25 -9.88
C PHE A 131 17.51 38.17 -10.02
N ILE A 132 18.76 38.55 -10.25
CA ILE A 132 19.83 37.56 -10.34
C ILE A 132 20.03 36.86 -9.00
N VAL A 133 20.03 37.62 -7.89
CA VAL A 133 20.33 37.03 -6.59
C VAL A 133 19.15 36.34 -5.95
N ARG A 134 17.93 36.56 -6.41
CA ARG A 134 16.81 35.81 -5.86
C ARG A 134 16.84 34.35 -6.31
N THR A 135 17.13 34.12 -7.60
CA THR A 135 17.01 32.78 -8.16
C THR A 135 18.11 31.86 -7.67
N LEU A 136 19.22 32.41 -7.17
CA LEU A 136 20.30 31.61 -6.64
C LEU A 136 20.13 31.28 -5.16
N LEU A 137 19.42 32.12 -4.41
CA LEU A 137 19.15 31.83 -3.01
C LEU A 137 17.87 31.02 -2.79
N LEU A 138 16.91 31.10 -3.70
CA LEU A 138 15.64 30.43 -3.43
C LEU A 138 15.70 28.92 -3.68
N HIS A 139 16.23 28.50 -4.82
CA HIS A 139 16.07 27.11 -5.25
C HIS A 139 17.06 26.15 -4.61
N PRO A 140 18.35 26.46 -4.49
CA PRO A 140 19.25 25.57 -3.75
C PRO A 140 18.82 25.33 -2.32
N ALA A 141 18.30 26.36 -1.63
CA ALA A 141 17.82 26.18 -0.26
C ALA A 141 16.63 25.24 -0.21
N ILE A 142 15.70 25.40 -1.15
CA ILE A 142 14.51 24.53 -1.18
C ILE A 142 14.91 23.09 -1.47
N PHE A 143 15.89 22.88 -2.36
CA PHE A 143 16.34 21.52 -2.62
C PHE A 143 17.07 20.92 -1.42
N GLY A 144 17.88 21.72 -0.72
CA GLY A 144 18.52 21.23 0.48
C GLY A 144 17.52 20.87 1.57
N LEU A 145 16.42 21.61 1.65
CA LEU A 145 15.37 21.27 2.61
C LEU A 145 14.57 20.04 2.17
N HIS A 146 14.42 19.83 0.87
CA HIS A 146 13.78 18.62 0.37
C HIS A 146 14.64 17.39 0.64
N HIS A 147 15.96 17.54 0.59
CA HIS A 147 16.88 16.43 0.78
C HIS A 147 16.97 15.96 2.23
N ILE A 148 16.38 16.69 3.18
CA ILE A 148 16.46 16.34 4.60
C ILE A 148 15.24 15.54 5.00
N GLY A 149 14.09 15.84 4.39
CA GLY A 149 12.89 15.05 4.66
C GLY A 149 13.05 13.61 4.23
N MET A 150 13.71 13.38 3.10
CA MET A 150 13.97 12.03 2.65
C MET A 150 14.83 11.27 3.66
N GLN A 151 15.86 11.93 4.18
CA GLN A 151 16.72 11.29 5.17
C GLN A 151 15.96 10.98 6.45
N MET A 152 15.12 11.91 6.92
CA MET A 152 14.35 11.66 8.13
C MET A 152 13.39 10.49 7.94
N ARG A 153 12.70 10.46 6.80
CA ARG A 153 11.76 9.38 6.53
C ARG A 153 12.47 8.03 6.44
N ILE A 154 13.61 7.99 5.76
CA ILE A 154 14.36 6.73 5.61
C ILE A 154 14.86 6.27 6.97
N ALA A 155 15.30 7.19 7.82
CA ALA A 155 15.78 6.80 9.14
C ALA A 155 14.66 6.29 10.03
N MET A 156 13.47 6.87 9.94
CA MET A 156 12.38 6.42 10.80
C MET A 156 11.75 5.11 10.31
N PHE A 157 11.70 4.90 9.00
CA PHE A 157 11.13 3.66 8.47
C PHE A 157 11.97 2.44 8.83
N SER A 158 13.26 2.61 9.10
CA SER A 158 14.07 1.49 9.57
C SER A 158 13.77 1.16 11.03
N LEU A 159 13.59 2.17 11.87
CA LEU A 159 13.25 1.91 13.27
C LEU A 159 11.89 1.24 13.38
N ILE A 160 10.94 1.64 12.55
CA ILE A 160 9.62 1.01 12.60
C ILE A 160 9.73 -0.49 12.33
N TYR A 161 10.50 -0.88 11.32
CA TYR A 161 10.63 -2.30 10.99
C TYR A 161 11.43 -3.06 12.03
N LYS A 162 12.50 -2.46 12.54
CA LYS A 162 13.30 -3.12 13.57
C LYS A 162 12.48 -3.32 14.85
N LYS A 163 11.55 -2.42 15.13
CA LYS A 163 10.64 -2.63 16.26
C LYS A 163 9.59 -3.69 15.92
N THR A 164 9.08 -3.69 14.69
CA THR A 164 8.10 -4.68 14.28
C THR A 164 8.62 -6.10 14.49
N LEU A 165 9.89 -6.31 14.18
CA LEU A 165 10.42 -7.67 14.38
C LEU A 165 10.54 -8.07 15.86
N LYS A 166 10.06 -7.29 16.85
CA LYS A 166 10.20 -7.65 18.25
C LYS A 166 8.90 -7.61 19.05
N LEU A 167 7.76 -7.30 18.42
CA LEU A 167 6.51 -7.17 19.15
C LEU A 167 6.14 -8.48 19.86
N SER A 168 5.54 -8.34 21.03
CA SER A 168 5.04 -9.48 21.78
C SER A 168 3.88 -10.13 21.03
N SER A 169 3.66 -11.41 21.31
CA SER A 169 2.60 -12.15 20.64
C SER A 169 1.21 -11.76 21.15
N ARG A 170 1.12 -11.09 22.30
CA ARG A 170 -0.15 -10.59 22.81
C ARG A 170 -0.51 -9.22 22.25
N VAL A 171 0.40 -8.57 21.54
CA VAL A 171 0.12 -7.29 20.91
C VAL A 171 -0.25 -7.46 19.44
N LEU A 172 0.14 -8.56 18.81
CA LEU A 172 -0.12 -8.77 17.39
C LEU A 172 -1.61 -8.79 17.06
N ASP A 173 -2.48 -9.04 18.04
CA ASP A 173 -3.91 -9.04 17.81
C ASP A 173 -4.53 -7.66 17.89
N LYS A 174 -3.70 -6.62 18.01
CA LYS A 174 -4.18 -5.24 17.99
C LYS A 174 -3.58 -4.43 16.85
N ILE A 175 -2.67 -5.00 16.07
CA ILE A 175 -2.05 -4.31 14.94
C ILE A 175 -2.25 -5.17 13.71
N SER A 176 -2.90 -4.62 12.70
CA SER A 176 -3.16 -5.36 11.47
C SER A 176 -2.13 -5.00 10.42
N ILE A 177 -2.26 -5.61 9.24
CA ILE A 177 -1.45 -5.18 8.10
C ILE A 177 -1.87 -3.80 7.65
N GLY A 178 -3.18 -3.52 7.69
CA GLY A 178 -3.71 -2.24 7.25
C GLY A 178 -3.20 -1.04 8.02
N GLN A 179 -3.02 -1.16 9.33
CA GLN A 179 -2.49 -0.06 10.12
C GLN A 179 -1.08 0.30 9.72
N LEU A 180 -0.18 -0.69 9.60
CA LEU A 180 1.19 -0.41 9.19
C LEU A 180 1.26 0.09 7.75
N VAL A 181 0.45 -0.48 6.87
CA VAL A 181 0.45 -0.04 5.47
C VAL A 181 -0.01 1.41 5.38
N SER A 182 -1.07 1.78 6.11
CA SER A 182 -1.51 3.16 6.13
C SER A 182 -0.43 4.07 6.70
N LEU A 183 0.21 3.66 7.80
CA LEU A 183 1.25 4.45 8.41
C LEU A 183 2.36 4.77 7.41
N LEU A 184 2.85 3.75 6.71
CA LEU A 184 3.90 3.97 5.72
C LEU A 184 3.38 4.77 4.53
N SER A 185 2.16 4.52 4.08
CA SER A 185 1.69 5.08 2.82
C SER A 185 1.37 6.56 2.93
N ASN A 186 0.76 7.00 4.03
CA ASN A 186 0.37 8.40 4.11
C ASN A 186 1.55 9.34 4.31
N ASN A 187 2.75 8.83 4.55
CA ASN A 187 3.91 9.66 4.84
C ASN A 187 5.02 9.43 3.83
N LEU A 188 4.69 8.80 2.71
CA LEU A 188 5.75 8.29 1.85
C LEU A 188 6.27 9.32 0.86
N ASN A 189 5.44 10.25 0.40
CA ASN A 189 5.93 11.28 -0.49
C ASN A 189 5.62 12.70 -0.03
N LYS A 190 4.84 12.89 1.03
CA LYS A 190 4.51 14.23 1.52
C LYS A 190 5.39 14.67 2.68
N PHE A 191 5.84 13.74 3.53
CA PHE A 191 6.74 14.13 4.61
C PHE A 191 8.06 14.65 4.07
N ASP A 192 8.49 14.14 2.91
CA ASP A 192 9.72 14.63 2.30
C ASP A 192 9.60 16.10 1.91
N GLU A 193 8.51 16.45 1.24
CA GLU A 193 8.32 17.80 0.72
C GLU A 193 7.73 18.75 1.75
N GLY A 194 7.34 18.26 2.92
CA GLY A 194 6.79 19.15 3.93
C GLY A 194 7.80 20.03 4.63
N LEU A 195 9.10 19.75 4.49
CA LEU A 195 10.11 20.55 5.15
C LEU A 195 10.40 21.85 4.43
N ALA A 196 9.96 22.00 3.19
CA ALA A 196 10.15 23.25 2.47
C ALA A 196 9.15 24.32 2.86
N LEU A 197 8.24 24.03 3.79
CA LEU A 197 7.24 24.97 4.23
C LEU A 197 7.28 25.24 5.74
N ALA A 198 8.16 24.57 6.49
CA ALA A 198 8.10 24.66 7.94
C ALA A 198 8.67 25.98 8.45
N HIS A 199 9.60 26.60 7.72
CA HIS A 199 10.23 27.82 8.21
C HIS A 199 9.31 29.03 8.11
N PHE A 200 8.20 28.94 7.38
CA PHE A 200 7.32 30.08 7.23
C PHE A 200 6.49 30.35 8.48
N VAL A 201 6.69 29.58 9.55
CA VAL A 201 6.12 29.94 10.84
C VAL A 201 6.78 31.19 11.39
N TRP A 202 8.08 31.35 11.16
CA TRP A 202 8.81 32.53 11.59
C TRP A 202 9.20 33.46 10.45
N ILE A 203 9.24 32.96 9.21
CA ILE A 203 9.59 33.84 8.09
C ILE A 203 8.46 34.83 7.79
N ALA A 204 7.21 34.38 7.89
CA ALA A 204 6.07 35.17 7.43
C ALA A 204 5.73 36.34 8.35
N PRO A 205 5.76 36.19 9.68
CA PRO A 205 5.59 37.37 10.54
C PRO A 205 6.59 38.49 10.27
N LEU A 206 7.85 38.15 9.97
CA LEU A 206 8.83 39.17 9.64
C LEU A 206 8.46 39.89 8.35
N GLN A 207 7.95 39.15 7.35
CA GLN A 207 7.49 39.78 6.12
C GLN A 207 6.31 40.70 6.37
N VAL A 208 5.39 40.27 7.24
CA VAL A 208 4.25 41.13 7.60
C VAL A 208 4.74 42.41 8.24
N ALA A 209 5.70 42.31 9.17
CA ALA A 209 6.24 43.49 9.83
C ALA A 209 6.94 44.43 8.87
N LEU A 210 7.71 43.89 7.92
CA LEU A 210 8.38 44.73 6.94
C LEU A 210 7.37 45.40 5.99
N LEU A 211 6.38 44.64 5.53
CA LEU A 211 5.44 45.16 4.55
C LEU A 211 4.51 46.20 5.15
N MET A 212 4.12 46.03 6.42
CA MET A 212 3.31 47.08 7.03
C MET A 212 4.09 48.37 7.24
N GLY A 213 5.38 48.29 7.54
CA GLY A 213 6.19 49.49 7.60
C GLY A 213 6.37 50.14 6.24
N LEU A 214 6.47 49.35 5.18
CA LEU A 214 6.55 49.95 3.85
C LEU A 214 5.23 50.59 3.40
N ILE A 215 4.09 49.95 3.72
CA ILE A 215 2.79 50.49 3.35
C ILE A 215 2.47 51.73 4.18
N TRP A 216 2.91 51.75 5.45
CA TRP A 216 2.64 52.87 6.34
C TRP A 216 3.15 54.19 5.78
N GLU A 217 4.18 54.15 4.93
CA GLU A 217 4.69 55.35 4.29
C GLU A 217 3.74 55.89 3.22
N LEU A 218 2.91 55.04 2.62
CA LEU A 218 1.98 55.49 1.60
C LEU A 218 0.68 55.99 2.23
N LEU A 219 0.02 55.14 3.00
CA LEU A 219 -1.26 55.44 3.65
C LEU A 219 -0.98 55.51 5.14
N GLN A 220 -0.70 56.73 5.62
CA GLN A 220 -0.10 56.95 6.94
C GLN A 220 -0.71 56.10 8.04
N ALA A 221 -1.99 56.33 8.35
CA ALA A 221 -2.65 55.58 9.40
C ALA A 221 -3.80 54.72 8.89
N SER A 222 -3.98 54.62 7.58
CA SER A 222 -5.08 53.86 6.99
C SER A 222 -4.70 52.42 6.68
N ALA A 223 -3.43 52.04 6.82
CA ALA A 223 -3.00 50.69 6.49
C ALA A 223 -3.60 49.64 7.43
N PHE A 224 -3.84 50.01 8.68
CA PHE A 224 -4.40 49.08 9.64
C PHE A 224 -5.85 48.72 9.32
N CYS A 225 -6.55 49.55 8.55
CA CYS A 225 -7.85 49.16 8.02
C CYS A 225 -7.73 47.90 7.18
N GLY A 226 -6.71 47.84 6.31
CA GLY A 226 -6.48 46.64 5.54
C GLY A 226 -5.86 45.51 6.33
N LEU A 227 -5.13 45.84 7.40
CA LEU A 227 -4.50 44.79 8.20
C LEU A 227 -5.52 44.04 9.06
N GLY A 228 -6.49 44.75 9.64
CA GLY A 228 -7.49 44.11 10.47
C GLY A 228 -8.33 43.08 9.75
N PHE A 229 -8.68 43.36 8.49
CA PHE A 229 -9.43 42.39 7.69
C PHE A 229 -8.63 41.11 7.49
N LEU A 230 -7.33 41.24 7.20
CA LEU A 230 -6.48 40.07 7.06
C LEU A 230 -6.36 39.30 8.36
N ILE A 231 -6.32 39.99 9.50
CA ILE A 231 -6.27 39.30 10.79
C ILE A 231 -7.54 38.49 11.02
N VAL A 232 -8.70 39.09 10.73
CA VAL A 232 -9.97 38.37 10.87
C VAL A 232 -10.01 37.17 9.95
N LEU A 233 -9.56 37.34 8.70
CA LEU A 233 -9.56 36.23 7.75
C LEU A 233 -8.62 35.11 8.20
N ALA A 234 -7.50 35.46 8.83
CA ALA A 234 -6.60 34.45 9.37
C ALA A 234 -7.22 33.71 10.55
N LEU A 235 -7.99 34.39 11.39
CA LEU A 235 -8.78 33.69 12.41
C LEU A 235 -9.73 32.68 11.78
N PHE A 236 -10.44 33.10 10.73
CA PHE A 236 -11.36 32.21 10.04
C PHE A 236 -10.64 31.00 9.46
N GLN A 237 -9.47 31.21 8.86
CA GLN A 237 -8.71 30.10 8.28
C GLN A 237 -8.21 29.15 9.36
N ALA A 238 -7.80 29.68 10.52
CA ALA A 238 -7.40 28.82 11.62
C ALA A 238 -8.55 27.93 12.08
N GLY A 239 -9.74 28.51 12.21
CA GLY A 239 -10.91 27.70 12.51
C GLY A 239 -11.22 26.66 11.47
N LEU A 240 -11.08 27.00 10.19
CA LEU A 240 -11.26 26.03 9.12
C LEU A 240 -10.28 24.87 9.21
N GLY A 241 -9.01 25.15 9.50
CA GLY A 241 -8.03 24.07 9.65
C GLY A 241 -8.32 23.16 10.82
N ARG A 242 -8.68 23.77 11.96
CA ARG A 242 -9.04 22.97 13.13
C ARG A 242 -10.24 22.08 12.84
N MET A 243 -11.26 22.60 12.16
CA MET A 243 -12.42 21.78 11.85
C MET A 243 -12.13 20.75 10.78
N MET A 244 -11.18 21.04 9.88
CA MET A 244 -10.79 20.07 8.86
C MET A 244 -10.10 18.86 9.48
N MET A 245 -9.24 19.07 10.48
CA MET A 245 -8.55 17.94 11.07
C MET A 245 -9.45 16.99 11.86
N LYS A 246 -10.71 17.39 12.11
CA LYS A 246 -11.62 16.49 12.81
C LYS A 246 -12.13 15.37 11.89
N TYR A 247 -12.38 15.69 10.62
CA TYR A 247 -12.96 14.70 9.71
C TYR A 247 -11.96 13.63 9.30
N ARG A 248 -10.66 13.89 9.45
CA ARG A 248 -9.66 12.90 9.06
C ARG A 248 -9.35 11.92 10.18
N ASP A 249 -9.58 12.31 11.44
CA ASP A 249 -9.41 11.38 12.55
C ASP A 249 -10.51 10.32 12.56
N GLN A 250 -11.71 10.67 12.12
CA GLN A 250 -12.82 9.72 12.11
C GLN A 250 -12.76 8.76 10.93
N ARG A 251 -11.87 9.01 9.96
CA ARG A 251 -11.85 8.29 8.70
C ARG A 251 -10.71 7.30 8.59
N ALA A 252 -9.65 7.44 9.39
CA ALA A 252 -8.47 6.60 9.23
C ALA A 252 -8.77 5.14 9.55
N GLY A 253 -9.52 4.89 10.63
CA GLY A 253 -9.82 3.52 11.01
C GLY A 253 -10.65 2.79 9.99
N LYS A 254 -11.57 3.49 9.32
CA LYS A 254 -12.38 2.85 8.29
C LYS A 254 -11.55 2.43 7.09
N ILE A 255 -10.58 3.25 6.69
CA ILE A 255 -9.66 2.87 5.63
C ILE A 255 -8.80 1.68 6.06
N SER A 256 -8.35 1.68 7.31
CA SER A 256 -7.60 0.55 7.83
C SER A 256 -8.43 -0.73 7.76
N GLU A 257 -9.71 -0.65 8.13
CA GLU A 257 -10.58 -1.82 8.06
C GLU A 257 -10.81 -2.27 6.62
N ARG A 258 -10.97 -1.32 5.69
CA ARG A 258 -11.21 -1.70 4.30
C ARG A 258 -9.99 -2.37 3.67
N LEU A 259 -8.78 -1.97 4.07
CA LEU A 259 -7.59 -2.52 3.46
C LEU A 259 -7.42 -4.01 3.75
N VAL A 260 -7.71 -4.43 4.99
CA VAL A 260 -7.53 -5.84 5.33
C VAL A 260 -8.56 -6.71 4.61
N ILE A 261 -9.79 -6.24 4.51
CA ILE A 261 -10.81 -6.98 3.77
C ILE A 261 -10.42 -7.08 2.29
N THR A 262 -9.92 -5.99 1.71
CA THR A 262 -9.51 -6.04 0.31
C THR A 262 -8.33 -6.98 0.10
N SER A 263 -7.37 -7.02 1.04
CA SER A 263 -6.21 -7.89 0.86
C SER A 263 -6.55 -9.35 1.12
N GLU A 264 -7.52 -9.64 2.00
CA GLU A 264 -7.83 -11.02 2.33
C GLU A 264 -8.37 -11.79 1.13
N MET A 265 -9.33 -11.21 0.41
CA MET A 265 -10.01 -11.94 -0.64
C MET A 265 -9.19 -12.05 -1.92
N ILE A 266 -8.30 -11.09 -2.19
CA ILE A 266 -7.51 -11.16 -3.41
C ILE A 266 -6.46 -12.27 -3.31
N GLU A 267 -5.96 -12.54 -2.11
CA GLU A 267 -5.07 -13.68 -1.92
C GLU A 267 -5.83 -15.00 -1.74
N ASN A 268 -7.17 -14.95 -1.76
CA ASN A 268 -8.02 -16.14 -1.72
C ASN A 268 -9.01 -16.11 -2.87
N ILE A 269 -8.57 -15.63 -4.03
CA ILE A 269 -9.48 -15.38 -5.15
C ILE A 269 -10.09 -16.66 -5.67
N GLN A 270 -9.36 -17.78 -5.62
CA GLN A 270 -9.89 -19.04 -6.14
C GLN A 270 -11.05 -19.56 -5.31
N SER A 271 -10.95 -19.48 -3.98
CA SER A 271 -12.06 -19.89 -3.13
C SER A 271 -13.27 -18.99 -3.33
N VAL A 272 -13.06 -17.69 -3.50
CA VAL A 272 -14.18 -16.79 -3.78
C VAL A 272 -14.85 -17.16 -5.10
N LYS A 273 -14.05 -17.44 -6.14
CA LYS A 273 -14.61 -17.80 -7.43
C LYS A 273 -15.38 -19.12 -7.35
N ALA A 274 -14.84 -20.11 -6.64
CA ALA A 274 -15.53 -21.39 -6.52
C ALA A 274 -16.82 -21.25 -5.72
N TYR A 275 -16.81 -20.46 -4.65
CA TYR A 275 -18.02 -20.22 -3.88
C TYR A 275 -19.02 -19.34 -4.63
N CYS A 276 -18.57 -18.60 -5.64
CA CYS A 276 -19.35 -17.56 -6.31
C CYS A 276 -19.79 -16.49 -5.32
N TRP A 277 -18.80 -15.82 -4.73
CA TRP A 277 -19.01 -14.86 -3.66
C TRP A 277 -18.67 -13.43 -4.06
N GLU A 278 -18.61 -13.14 -5.36
CA GLU A 278 -18.24 -11.80 -5.79
C GLU A 278 -19.26 -10.77 -5.33
N GLU A 279 -20.55 -11.09 -5.50
CA GLU A 279 -21.62 -10.13 -5.23
C GLU A 279 -21.70 -9.74 -3.76
N ALA A 280 -21.15 -10.55 -2.86
CA ALA A 280 -21.16 -10.24 -1.44
C ALA A 280 -19.92 -9.46 -1.01
N MET A 281 -18.75 -9.85 -1.51
CA MET A 281 -17.53 -9.11 -1.22
C MET A 281 -17.61 -7.69 -1.75
N GLU A 282 -18.12 -7.53 -2.99
CA GLU A 282 -18.27 -6.20 -3.56
C GLU A 282 -19.23 -5.35 -2.72
N LYS A 283 -20.32 -5.97 -2.24
CA LYS A 283 -21.28 -5.23 -1.42
C LYS A 283 -20.67 -4.79 -0.10
N MET A 284 -19.86 -5.65 0.53
CA MET A 284 -19.21 -5.23 1.77
C MET A 284 -18.24 -4.08 1.54
N ILE A 285 -17.46 -4.15 0.46
CA ILE A 285 -16.52 -3.08 0.16
C ILE A 285 -17.28 -1.78 -0.11
N GLU A 286 -18.39 -1.85 -0.83
CA GLU A 286 -19.19 -0.66 -1.11
C GLU A 286 -19.75 -0.05 0.18
N ASN A 287 -20.27 -0.89 1.09
CA ASN A 287 -20.78 -0.37 2.34
C ASN A 287 -19.68 0.27 3.17
N LEU A 288 -18.47 -0.27 3.11
CA LEU A 288 -17.36 0.37 3.80
C LEU A 288 -17.03 1.73 3.18
N ARG A 289 -17.05 1.81 1.84
CA ARG A 289 -16.68 3.06 1.17
C ARG A 289 -17.73 4.15 1.36
N GLN A 290 -18.99 3.76 1.61
CA GLN A 290 -20.08 4.74 1.61
C GLN A 290 -19.88 5.85 2.63
N THR A 291 -19.48 5.50 3.86
CA THR A 291 -19.27 6.48 4.92
C THR A 291 -17.96 7.25 4.78
N GLU A 292 -16.92 6.56 4.32
CA GLU A 292 -15.63 7.21 4.12
C GLU A 292 -15.73 8.30 3.07
N LEU A 293 -16.50 8.06 2.01
CA LEU A 293 -16.69 9.09 0.99
C LEU A 293 -17.45 10.30 1.54
N LYS A 294 -18.40 10.07 2.45
CA LYS A 294 -19.10 11.20 3.07
C LYS A 294 -18.15 12.06 3.89
N LEU A 295 -17.28 11.42 4.68
CA LEU A 295 -16.30 12.19 5.43
C LEU A 295 -15.34 12.94 4.51
N THR A 296 -14.93 12.30 3.40
CA THR A 296 -14.04 12.97 2.45
C THR A 296 -14.72 14.18 1.81
N ARG A 297 -16.00 14.06 1.46
CA ARG A 297 -16.73 15.19 0.91
C ARG A 297 -16.78 16.35 1.90
N LYS A 298 -17.06 16.03 3.16
CA LYS A 298 -17.13 17.09 4.16
C LYS A 298 -15.77 17.76 4.36
N ALA A 299 -14.67 17.01 4.27
CA ALA A 299 -13.36 17.65 4.39
C ALA A 299 -13.04 18.52 3.18
N ALA A 300 -13.44 18.07 1.98
CA ALA A 300 -13.16 18.83 0.77
C ALA A 300 -13.94 20.13 0.74
N TYR A 301 -15.17 20.14 1.25
CA TYR A 301 -15.94 21.38 1.27
C TYR A 301 -15.27 22.46 2.11
N VAL A 302 -14.48 22.06 3.11
CA VAL A 302 -13.79 23.02 3.96
C VAL A 302 -12.47 23.43 3.32
N ARG A 303 -11.75 22.46 2.76
CA ARG A 303 -10.50 22.78 2.08
C ARG A 303 -10.73 23.71 0.90
N TYR A 304 -11.91 23.65 0.28
CA TYR A 304 -12.20 24.58 -0.82
C TYR A 304 -12.19 26.02 -0.34
N PHE A 305 -12.88 26.31 0.76
CA PHE A 305 -12.89 27.67 1.29
C PHE A 305 -11.49 28.09 1.73
N ASN A 306 -10.76 27.17 2.37
CA ASN A 306 -9.39 27.49 2.78
C ASN A 306 -8.54 27.90 1.58
N SER A 307 -8.67 27.20 0.46
CA SER A 307 -7.89 27.55 -0.73
C SER A 307 -8.43 28.78 -1.45
N SER A 308 -9.73 29.02 -1.36
CA SER A 308 -10.36 30.15 -2.06
C SER A 308 -10.16 31.48 -1.34
N ALA A 309 -9.76 31.45 -0.07
CA ALA A 309 -9.58 32.69 0.68
C ALA A 309 -8.64 33.67 -0.01
N PHE A 310 -7.62 33.17 -0.71
CA PHE A 310 -6.57 34.06 -1.21
C PHE A 310 -7.05 34.98 -2.32
N PHE A 311 -7.90 34.49 -3.23
CA PHE A 311 -8.30 35.31 -4.37
C PHE A 311 -9.30 36.38 -3.99
N PHE A 312 -10.22 36.08 -3.09
CA PHE A 312 -11.26 37.02 -2.72
C PHE A 312 -10.81 38.04 -1.68
N SER A 313 -9.56 37.97 -1.24
CA SER A 313 -9.05 38.89 -0.24
C SER A 313 -8.41 40.14 -0.83
N GLY A 314 -8.22 40.20 -2.14
CA GLY A 314 -7.52 41.31 -2.75
C GLY A 314 -8.29 42.60 -2.81
N PHE A 315 -9.42 42.56 -3.53
CA PHE A 315 -10.25 43.75 -3.69
C PHE A 315 -10.61 44.34 -2.34
N PHE A 316 -11.04 43.50 -1.40
CA PHE A 316 -11.50 44.01 -0.12
C PHE A 316 -10.37 44.67 0.66
N VAL A 317 -9.20 44.05 0.69
CA VAL A 317 -8.07 44.65 1.41
C VAL A 317 -7.72 46.01 0.80
N VAL A 318 -7.55 46.06 -0.52
CA VAL A 318 -7.09 47.30 -1.14
C VAL A 318 -8.14 48.40 -0.98
N PHE A 319 -9.39 48.10 -1.32
CA PHE A 319 -10.46 49.10 -1.22
C PHE A 319 -10.62 49.58 0.20
N LEU A 320 -10.61 48.67 1.17
CA LEU A 320 -10.82 49.04 2.56
C LEU A 320 -9.68 49.91 3.07
N SER A 321 -8.44 49.60 2.68
CA SER A 321 -7.30 50.38 3.14
C SER A 321 -7.21 51.74 2.47
N VAL A 322 -7.71 51.88 1.23
CA VAL A 322 -7.57 53.13 0.50
C VAL A 322 -8.77 54.08 0.67
N LEU A 323 -9.95 53.56 1.03
CA LEU A 323 -11.13 54.42 1.07
C LEU A 323 -11.03 55.57 2.05
N PRO A 324 -10.62 55.39 3.31
CA PRO A 324 -10.59 56.56 4.23
C PRO A 324 -9.57 57.61 3.85
N TYR A 325 -8.35 57.17 3.48
CA TYR A 325 -7.34 58.11 3.02
C TYR A 325 -7.85 58.92 1.82
N ALA A 326 -8.54 58.25 0.89
CA ALA A 326 -9.07 58.93 -0.28
C ALA A 326 -10.24 59.85 0.06
N LEU A 327 -11.01 59.53 1.10
CA LEU A 327 -12.13 60.39 1.48
C LEU A 327 -11.67 61.65 2.19
N ILE A 328 -10.66 61.56 3.06
CA ILE A 328 -10.16 62.75 3.73
C ILE A 328 -9.13 63.50 2.90
N LYS A 329 -8.69 62.94 1.78
CA LYS A 329 -7.68 63.56 0.93
C LYS A 329 -7.67 62.86 -0.42
N GLY A 330 -7.72 63.62 -1.51
CA GLY A 330 -7.70 63.02 -2.82
C GLY A 330 -6.45 62.18 -3.04
N ILE A 331 -6.55 61.25 -4.00
CA ILE A 331 -5.48 60.30 -4.23
C ILE A 331 -5.10 60.29 -5.71
N ILE A 332 -3.88 59.87 -5.98
CA ILE A 332 -3.38 59.71 -7.34
C ILE A 332 -3.41 58.24 -7.71
N LEU A 333 -3.33 57.94 -9.01
CA LEU A 333 -3.32 56.55 -9.46
C LEU A 333 -2.03 55.83 -9.05
N ARG A 334 -0.93 56.57 -8.95
CA ARG A 334 0.34 55.96 -8.60
C ARG A 334 0.29 55.33 -7.21
N LYS A 335 -0.31 56.04 -6.24
CA LYS A 335 -0.44 55.49 -4.90
C LYS A 335 -1.27 54.23 -4.90
N ILE A 336 -2.37 54.21 -5.68
CA ILE A 336 -3.22 53.04 -5.74
C ILE A 336 -2.46 51.85 -6.30
N PHE A 337 -1.71 52.06 -7.38
CA PHE A 337 -0.99 50.94 -7.98
C PHE A 337 0.11 50.42 -7.06
N THR A 338 0.83 51.33 -6.38
CA THR A 338 1.85 50.89 -5.45
C THR A 338 1.25 50.11 -4.29
N THR A 339 0.09 50.55 -3.79
CA THR A 339 -0.59 49.82 -2.73
C THR A 339 -1.00 48.43 -3.20
N ILE A 340 -1.47 48.31 -4.44
CA ILE A 340 -1.79 47.00 -4.99
C ILE A 340 -0.55 46.12 -5.05
N SER A 341 0.56 46.69 -5.51
CA SER A 341 1.81 45.94 -5.62
C SER A 341 2.28 45.41 -4.27
N PHE A 342 2.15 46.21 -3.21
CA PHE A 342 2.55 45.73 -1.89
C PHE A 342 1.55 44.71 -1.33
N CYS A 343 0.25 44.98 -1.51
CA CYS A 343 -0.77 44.09 -0.97
C CYS A 343 -0.76 42.72 -1.63
N ILE A 344 -0.27 42.62 -2.87
CA ILE A 344 -0.18 41.32 -3.52
C ILE A 344 0.78 40.42 -2.75
N VAL A 345 1.92 40.95 -2.32
CA VAL A 345 2.86 40.18 -1.50
C VAL A 345 2.30 39.95 -0.11
N LEU A 346 1.62 40.96 0.46
CA LEU A 346 1.07 40.82 1.80
C LEU A 346 0.05 39.68 1.88
N ARG A 347 -0.85 39.60 0.89
CA ARG A 347 -1.88 38.57 0.90
C ARG A 347 -1.26 37.18 0.74
N MET A 348 -0.24 37.05 -0.09
CA MET A 348 0.44 35.77 -0.23
C MET A 348 1.09 35.36 1.08
N ALA A 349 1.71 36.30 1.78
CA ALA A 349 2.34 35.97 3.05
C ALA A 349 1.31 35.56 4.10
N VAL A 350 0.16 36.25 4.14
CA VAL A 350 -0.76 36.05 5.25
C VAL A 350 -1.69 34.86 5.01
N THR A 351 -2.18 34.69 3.78
CA THR A 351 -3.27 33.75 3.52
C THR A 351 -2.83 32.44 2.86
N ARG A 352 -1.57 32.31 2.45
CA ARG A 352 -1.17 31.11 1.74
C ARG A 352 0.08 30.45 2.29
N GLN A 353 0.95 31.22 2.94
CA GLN A 353 2.20 30.67 3.44
C GLN A 353 2.20 30.38 4.94
N PHE A 354 1.42 31.11 5.72
CA PHE A 354 1.35 30.82 7.15
C PHE A 354 0.45 29.62 7.46
N PRO A 355 -0.81 29.56 7.00
CA PRO A 355 -1.63 28.39 7.34
C PRO A 355 -1.09 27.06 6.81
N TRP A 356 -0.48 27.06 5.63
CA TRP A 356 0.18 25.83 5.15
C TRP A 356 1.31 25.40 6.07
N ALA A 357 2.10 26.35 6.56
CA ALA A 357 3.17 26.00 7.50
C ALA A 357 2.59 25.43 8.79
N VAL A 358 1.51 26.03 9.29
CA VAL A 358 0.91 25.53 10.52
C VAL A 358 0.37 24.11 10.34
N GLN A 359 -0.32 23.87 9.22
CA GLN A 359 -0.82 22.53 8.94
C GLN A 359 0.31 21.54 8.72
N THR A 360 1.43 21.98 8.15
CA THR A 360 2.60 21.12 8.00
C THR A 360 3.13 20.69 9.36
N TRP A 361 3.27 21.64 10.29
CA TRP A 361 3.74 21.27 11.62
C TRP A 361 2.77 20.32 12.30
N TYR A 362 1.46 20.57 12.17
CA TYR A 362 0.46 19.69 12.75
C TYR A 362 0.61 18.27 12.22
N ASP A 363 0.66 18.11 10.89
CA ASP A 363 0.72 16.78 10.30
C ASP A 363 2.02 16.06 10.67
N SER A 364 3.15 16.77 10.62
CA SER A 364 4.42 16.11 10.90
C SER A 364 4.51 15.67 12.36
N LEU A 365 4.08 16.52 13.29
CA LEU A 365 4.12 16.10 14.68
C LEU A 365 3.11 15.00 14.98
N GLY A 366 1.96 15.01 14.29
CA GLY A 366 1.02 13.92 14.43
C GLY A 366 1.59 12.59 13.97
N ALA A 367 2.36 12.60 12.88
CA ALA A 367 3.00 11.36 12.43
C ALA A 367 4.09 10.92 13.41
N ILE A 368 4.90 11.86 13.89
CA ILE A 368 6.01 11.50 14.77
C ILE A 368 5.49 10.94 16.09
N ASN A 369 4.40 11.49 16.61
CA ASN A 369 3.87 10.98 17.88
C ASN A 369 3.37 9.55 17.75
N LYS A 370 2.71 9.23 16.64
CA LYS A 370 2.27 7.85 16.42
C LYS A 370 3.45 6.91 16.24
N ILE A 371 4.50 7.37 15.55
CA ILE A 371 5.69 6.54 15.40
C ILE A 371 6.32 6.26 16.76
N GLN A 372 6.42 7.27 17.62
CA GLN A 372 6.99 7.06 18.96
C GLN A 372 6.12 6.11 19.79
N ASP A 373 4.81 6.29 19.73
CA ASP A 373 3.91 5.40 20.46
C ASP A 373 4.07 3.96 19.99
N PHE A 374 4.25 3.75 18.68
CA PHE A 374 4.55 2.40 18.21
C PHE A 374 5.88 1.90 18.75
N LEU A 375 6.90 2.75 18.77
CA LEU A 375 8.20 2.33 19.27
C LEU A 375 8.21 2.06 20.77
N GLN A 376 7.17 2.48 21.50
CA GLN A 376 7.11 2.27 22.94
C GLN A 376 6.12 1.17 23.33
N LYS A 377 5.93 0.17 22.47
CA LYS A 377 4.98 -0.91 22.76
C LYS A 377 5.66 -2.03 23.53
N GLN A 378 4.93 -3.11 23.77
CA GLN A 378 5.41 -4.22 24.58
C GLN A 378 6.22 -5.18 23.72
N GLU A 379 7.38 -5.58 24.23
CA GLU A 379 8.33 -6.38 23.46
C GLU A 379 8.26 -7.86 23.84
N TYR A 380 8.70 -8.69 22.90
CA TYR A 380 8.79 -10.12 23.14
C TYR A 380 9.94 -10.40 24.11
N LYS A 381 9.66 -11.23 25.13
CA LYS A 381 10.64 -11.49 26.17
C LYS A 381 11.50 -12.69 25.77
N THR A 382 12.81 -12.47 25.64
CA THR A 382 13.75 -13.52 25.30
C THR A 382 14.61 -13.93 26.49
N LEU A 383 14.29 -13.44 27.68
CA LEU A 383 15.10 -13.71 28.87
C LEU A 383 14.97 -15.18 29.25
N GLU A 384 15.99 -15.97 28.95
CA GLU A 384 16.02 -17.39 29.31
C GLU A 384 17.46 -17.86 29.24
N TYR A 385 17.67 -19.10 29.70
CA TYR A 385 19.00 -19.69 29.68
C TYR A 385 19.49 -19.90 28.25
N ASN A 386 20.82 -19.94 28.10
CA ASN A 386 21.42 -20.10 26.78
C ASN A 386 22.44 -21.23 26.75
N LEU A 387 22.51 -22.04 27.80
CA LEU A 387 23.39 -23.21 27.80
C LEU A 387 22.93 -24.19 28.87
N THR A 388 22.96 -25.47 28.53
CA THR A 388 22.59 -26.56 29.43
C THR A 388 22.95 -27.87 28.74
N THR A 389 22.67 -28.98 29.42
CA THR A 389 22.86 -30.30 28.82
C THR A 389 21.76 -30.65 27.83
N THR A 390 20.93 -29.67 27.46
CA THR A 390 19.78 -29.85 26.57
C THR A 390 18.90 -31.01 27.03
N GLU A 391 18.74 -31.14 28.34
CA GLU A 391 17.72 -31.99 28.92
C GLU A 391 16.46 -31.15 29.05
N VAL A 392 15.50 -31.38 28.17
CA VAL A 392 14.29 -30.56 28.15
C VAL A 392 13.45 -30.92 29.37
N VAL A 393 13.20 -29.93 30.23
CA VAL A 393 12.44 -30.12 31.45
C VAL A 393 11.30 -29.12 31.49
N MET A 394 10.13 -29.57 31.92
CA MET A 394 8.99 -28.66 32.08
C MET A 394 8.21 -29.09 33.30
N GLU A 395 7.87 -28.12 34.16
CA GLU A 395 7.16 -28.44 35.38
C GLU A 395 6.07 -27.43 35.68
N ASN A 396 4.90 -27.94 36.04
CA ASN A 396 3.80 -27.20 36.67
C ASN A 396 3.38 -25.98 35.86
N VAL A 397 3.17 -26.19 34.57
CA VAL A 397 2.91 -25.12 33.62
C VAL A 397 1.41 -24.98 33.40
N THR A 398 0.90 -23.76 33.55
CA THR A 398 -0.46 -23.41 33.18
C THR A 398 -0.42 -22.03 32.53
N ALA A 399 -1.08 -21.89 31.39
CA ALA A 399 -1.04 -20.64 30.64
C ALA A 399 -2.44 -20.29 30.14
N PHE A 400 -2.68 -18.99 30.01
CA PHE A 400 -3.94 -18.46 29.50
C PHE A 400 -3.69 -17.68 28.22
N TRP A 401 -4.50 -17.93 27.20
CA TRP A 401 -4.41 -17.15 25.98
C TRP A 401 -4.98 -15.75 26.15
N GLU A 402 -5.86 -15.55 27.15
CA GLU A 402 -6.42 -14.25 27.45
C GLU A 402 -5.63 -13.60 28.58
N GLU A 403 -5.18 -12.37 28.36
CA GLU A 403 -4.29 -11.70 29.32
C GLU A 403 -5.00 -11.41 30.64
N GLY A 404 -6.27 -10.99 30.59
CA GLY A 404 -6.97 -10.61 31.81
C GLY A 404 -7.18 -11.79 32.75
N PHE A 405 -7.63 -12.93 32.20
CA PHE A 405 -7.90 -14.09 33.02
C PHE A 405 -6.62 -14.66 33.63
N GLY A 406 -5.52 -14.65 32.88
CA GLY A 406 -4.25 -15.07 33.43
C GLY A 406 -3.66 -14.08 34.42
N GLU A 407 -4.01 -12.80 34.30
CA GLU A 407 -3.59 -11.83 35.30
C GLU A 407 -4.37 -11.98 36.60
N LEU A 408 -5.66 -12.30 36.50
CA LEU A 408 -6.49 -12.43 37.69
C LEU A 408 -6.09 -13.65 38.53
N PHE A 409 -5.75 -14.75 37.87
CA PHE A 409 -5.40 -15.98 38.56
C PHE A 409 -3.93 -15.98 38.98
N GLY A 437 -12.29 -17.09 32.00
CA GLY A 437 -11.25 -17.68 31.19
C GLY A 437 -10.78 -19.03 31.70
N THR A 438 -10.80 -20.03 30.83
CA THR A 438 -10.31 -21.34 31.24
C THR A 438 -8.85 -21.52 30.84
N PRO A 439 -8.09 -22.28 31.64
CA PRO A 439 -6.67 -22.49 31.29
C PRO A 439 -6.53 -23.28 30.01
N VAL A 440 -5.61 -22.83 29.15
CA VAL A 440 -5.25 -23.60 27.97
C VAL A 440 -4.46 -24.84 28.35
N LEU A 441 -3.49 -24.68 29.25
CA LEU A 441 -2.69 -25.77 29.78
C LEU A 441 -2.91 -25.87 31.27
N LYS A 442 -2.75 -27.07 31.82
CA LYS A 442 -2.96 -27.29 33.25
C LYS A 442 -1.98 -28.34 33.77
N ASP A 443 -1.02 -27.90 34.58
CA ASP A 443 -0.16 -28.78 35.38
C ASP A 443 0.61 -29.77 34.51
N ILE A 444 1.24 -29.27 33.46
CA ILE A 444 1.98 -30.09 32.51
C ILE A 444 3.43 -30.20 32.97
N ASN A 445 3.96 -31.42 32.98
CA ASN A 445 5.36 -31.63 33.34
C ASN A 445 5.89 -32.85 32.60
N PHE A 446 7.15 -32.76 32.17
CA PHE A 446 7.82 -33.86 31.48
C PHE A 446 9.31 -33.56 31.42
N LYS A 447 10.07 -34.55 30.98
CA LYS A 447 11.52 -34.44 30.86
C LYS A 447 12.02 -35.41 29.80
N ILE A 448 12.90 -34.93 28.92
CA ILE A 448 13.53 -35.79 27.91
C ILE A 448 15.01 -35.44 27.80
N GLU A 449 15.81 -36.46 27.49
CA GLU A 449 17.26 -36.35 27.47
C GLU A 449 17.76 -35.94 26.08
N ARG A 450 19.06 -36.01 25.88
CA ARG A 450 19.68 -35.74 24.58
C ARG A 450 19.46 -36.96 23.69
N GLY A 451 18.73 -36.77 22.59
CA GLY A 451 18.52 -37.81 21.61
C GLY A 451 17.20 -38.54 21.73
N GLN A 452 16.33 -38.19 22.68
CA GLN A 452 15.07 -38.89 22.86
C GLN A 452 13.97 -38.26 22.00
N LEU A 453 12.94 -39.06 21.74
CA LEU A 453 11.80 -38.64 20.93
C LEU A 453 10.53 -38.73 21.78
N LEU A 454 9.87 -37.58 21.97
CA LEU A 454 8.61 -37.51 22.68
C LEU A 454 7.48 -37.29 21.70
N ALA A 455 6.41 -38.07 21.85
CA ALA A 455 5.27 -38.02 20.95
C ALA A 455 4.07 -37.43 21.67
N VAL A 456 3.49 -36.36 21.10
CA VAL A 456 2.33 -35.68 21.66
C VAL A 456 1.09 -36.08 20.88
N ALA A 457 0.02 -36.40 21.60
CA ALA A 457 -1.21 -36.86 20.97
C ALA A 457 -2.42 -36.28 21.69
N GLY A 458 -3.57 -36.36 21.06
CA GLY A 458 -4.81 -35.87 21.63
C GLY A 458 -5.82 -35.54 20.56
N SER A 459 -7.01 -35.15 21.03
CA SER A 459 -8.11 -34.79 20.14
C SER A 459 -7.88 -33.41 19.53
N THR A 460 -8.83 -32.96 18.74
CA THR A 460 -8.77 -31.62 18.17
C THR A 460 -9.11 -30.59 19.24
N GLY A 461 -8.39 -29.47 19.20
CA GLY A 461 -8.54 -28.46 20.23
C GLY A 461 -7.92 -28.81 21.57
N ALA A 462 -7.22 -29.94 21.66
CA ALA A 462 -6.66 -30.38 22.94
C ALA A 462 -5.53 -29.49 23.42
N GLY A 463 -4.90 -28.72 22.53
CA GLY A 463 -3.81 -27.85 22.93
C GLY A 463 -2.43 -28.43 22.70
N LYS A 464 -2.22 -28.94 21.50
CA LYS A 464 -0.91 -29.46 21.14
C LYS A 464 -0.01 -28.43 20.50
N THR A 465 -0.57 -27.53 19.70
CA THR A 465 0.22 -26.43 19.15
C THR A 465 0.59 -25.41 20.24
N SER A 466 -0.29 -25.20 21.20
CA SER A 466 -0.04 -24.24 22.26
C SER A 466 1.04 -24.72 23.23
N LEU A 467 1.21 -25.99 23.41
CA LEU A 467 2.37 -26.49 24.16
C LEU A 467 3.67 -26.13 23.45
N LEU A 468 3.71 -26.26 22.12
CA LEU A 468 4.89 -25.88 21.37
C LEU A 468 5.14 -24.38 21.47
N MET A 469 4.07 -23.58 21.45
CA MET A 469 4.24 -22.13 21.65
C MET A 469 4.79 -21.81 23.03
N VAL A 470 4.35 -22.55 24.05
CA VAL A 470 4.90 -22.35 25.41
C VAL A 470 6.38 -22.67 25.43
N ILE A 471 6.79 -23.76 24.75
CA ILE A 471 8.20 -24.11 24.71
C ILE A 471 9.00 -23.05 23.98
N MET A 472 8.49 -22.56 22.85
CA MET A 472 9.22 -21.58 22.04
C MET A 472 9.38 -20.24 22.75
N GLY A 473 8.53 -19.93 23.72
CA GLY A 473 8.53 -18.63 24.34
C GLY A 473 7.48 -17.67 23.81
N GLU A 474 6.63 -18.11 22.88
CA GLU A 474 5.59 -17.26 22.35
C GLU A 474 4.44 -17.05 23.32
N LEU A 475 4.21 -18.00 24.22
CA LEU A 475 3.13 -17.91 25.20
C LEU A 475 3.74 -18.06 26.59
N GLU A 476 3.75 -16.97 27.35
CA GLU A 476 4.38 -16.98 28.66
C GLU A 476 3.46 -17.64 29.69
N PRO A 477 3.91 -18.67 30.38
CA PRO A 477 3.06 -19.30 31.40
C PRO A 477 2.98 -18.44 32.67
N SER A 478 1.81 -18.48 33.30
CA SER A 478 1.63 -17.78 34.56
C SER A 478 2.46 -18.43 35.66
N GLU A 479 2.42 -19.76 35.74
CA GLU A 479 3.17 -20.50 36.74
C GLU A 479 3.83 -21.71 36.09
N GLY A 480 5.02 -22.05 36.58
CA GLY A 480 5.78 -23.19 36.11
C GLY A 480 7.10 -22.77 35.49
N LYS A 481 7.87 -23.78 35.10
CA LYS A 481 9.17 -23.54 34.47
C LYS A 481 9.33 -24.41 33.24
N ILE A 482 10.08 -23.88 32.27
CA ILE A 482 10.59 -24.63 31.13
C ILE A 482 12.10 -24.39 31.05
N LYS A 483 12.85 -25.47 30.83
CA LYS A 483 14.30 -25.41 30.83
C LYS A 483 14.84 -26.18 29.63
N HIS A 484 15.57 -25.48 28.77
CA HIS A 484 16.30 -26.08 27.66
C HIS A 484 17.45 -25.13 27.31
N SER A 485 18.21 -25.49 26.28
CA SER A 485 19.37 -24.70 25.89
C SER A 485 18.98 -23.38 25.25
N GLY A 486 18.31 -23.42 24.10
CA GLY A 486 17.95 -22.21 23.40
C GLY A 486 18.18 -22.29 21.90
N ARG A 487 18.75 -23.41 21.45
CA ARG A 487 18.90 -23.67 20.03
C ARG A 487 17.78 -24.59 19.56
N ILE A 488 16.87 -24.08 18.75
CA ILE A 488 15.69 -24.83 18.34
C ILE A 488 15.50 -24.74 16.83
N SER A 489 14.80 -25.73 16.28
CA SER A 489 14.34 -25.72 14.91
C SER A 489 12.84 -26.00 14.90
N PHE A 490 12.13 -25.37 13.98
CA PHE A 490 10.68 -25.28 14.06
C PHE A 490 10.02 -25.68 12.74
N CYS A 491 8.96 -26.48 12.84
CA CYS A 491 8.11 -26.77 11.68
C CYS A 491 6.66 -26.70 12.15
N SER A 492 5.81 -25.81 11.43
CA SER A 492 4.47 -25.43 11.89
C SER A 492 3.36 -26.17 11.13
N GLN A 493 2.15 -26.05 11.67
CA GLN A 493 0.99 -26.72 11.11
C GLN A 493 0.51 -26.06 9.82
N PHE A 494 0.81 -24.79 9.62
CA PHE A 494 0.53 -24.06 8.39
C PHE A 494 1.85 -23.60 7.81
N SER A 495 2.16 -24.01 6.60
CA SER A 495 3.47 -23.84 6.00
C SER A 495 3.65 -22.43 5.43
N TRP A 496 4.81 -21.84 5.69
CA TRP A 496 5.13 -20.49 5.25
C TRP A 496 6.20 -20.56 4.16
N ILE A 497 5.98 -19.84 3.06
CA ILE A 497 6.88 -19.83 1.92
C ILE A 497 7.22 -18.37 1.61
N MET A 498 8.50 -18.02 1.75
CA MET A 498 8.93 -16.65 1.46
C MET A 498 9.22 -16.50 -0.03
N PRO A 499 9.13 -15.28 -0.56
CA PRO A 499 9.44 -15.06 -1.98
C PRO A 499 10.89 -15.43 -2.30
N GLY A 500 11.07 -16.10 -3.42
CA GLY A 500 12.38 -16.56 -3.84
C GLY A 500 12.27 -17.92 -4.50
N THR A 501 13.42 -18.56 -4.64
CA THR A 501 13.47 -19.90 -5.19
C THR A 501 13.50 -20.94 -4.06
N ILE A 502 13.43 -22.22 -4.44
CA ILE A 502 13.40 -23.30 -3.46
C ILE A 502 14.67 -23.32 -2.64
N LYS A 503 15.83 -23.16 -3.30
CA LYS A 503 17.10 -23.21 -2.59
C LYS A 503 17.19 -22.11 -1.53
N GLU A 504 16.69 -20.92 -1.84
CA GLU A 504 16.65 -19.85 -0.86
C GLU A 504 15.72 -20.19 0.29
N ASN A 505 14.59 -20.82 -0.01
CA ASN A 505 13.65 -21.21 1.05
C ASN A 505 14.20 -22.32 1.93
N ILE A 506 15.15 -23.11 1.45
CA ILE A 506 15.69 -24.18 2.27
C ILE A 506 16.94 -23.74 3.03
N ILE A 507 17.92 -23.13 2.37
CA ILE A 507 19.11 -22.70 3.09
C ILE A 507 18.78 -21.56 4.05
N PHE A 508 17.88 -20.65 3.66
CA PHE A 508 17.25 -19.70 4.58
C PHE A 508 18.30 -18.83 5.30
N GLY A 509 19.21 -18.27 4.53
CA GLY A 509 20.10 -17.23 5.02
C GLY A 509 21.48 -17.66 5.49
N VAL A 510 21.89 -18.91 5.23
CA VAL A 510 23.20 -19.36 5.70
C VAL A 510 24.02 -19.92 4.54
N SER A 511 25.21 -20.42 4.86
CA SER A 511 26.11 -20.94 3.84
C SER A 511 25.56 -22.22 3.23
N TYR A 512 25.80 -22.39 1.93
CA TYR A 512 25.24 -23.52 1.18
C TYR A 512 26.26 -24.66 1.15
N ASP A 513 25.96 -25.73 1.90
CA ASP A 513 26.79 -26.93 1.94
C ASP A 513 26.16 -27.95 0.99
N GLU A 514 26.94 -28.41 0.02
CA GLU A 514 26.39 -29.24 -1.06
C GLU A 514 25.91 -30.59 -0.55
N TYR A 515 26.74 -31.28 0.23
CA TYR A 515 26.40 -32.64 0.65
C TYR A 515 25.20 -32.65 1.58
N ARG A 516 25.16 -31.72 2.54
CA ARG A 516 24.03 -31.65 3.46
C ARG A 516 22.74 -31.31 2.71
N TYR A 517 22.82 -30.41 1.74
CA TYR A 517 21.67 -30.08 0.91
C TYR A 517 21.18 -31.31 0.15
N ARG A 518 22.11 -32.06 -0.45
CA ARG A 518 21.72 -33.24 -1.21
C ARG A 518 21.04 -34.28 -0.33
N SER A 519 21.61 -34.53 0.86
CA SER A 519 21.03 -35.52 1.75
C SER A 519 19.67 -35.10 2.29
N VAL A 520 19.51 -33.81 2.62
CA VAL A 520 18.20 -33.34 3.06
C VAL A 520 17.17 -33.42 1.94
N ILE A 521 17.54 -33.06 0.71
CA ILE A 521 16.61 -33.20 -0.41
C ILE A 521 16.23 -34.65 -0.67
N LYS A 522 17.19 -35.58 -0.60
CA LYS A 522 16.88 -36.98 -0.81
C LYS A 522 16.04 -37.58 0.31
N ALA A 523 16.24 -37.13 1.56
CA ALA A 523 15.50 -37.71 2.67
C ALA A 523 14.04 -37.26 2.69
N CYS A 524 13.74 -36.09 2.15
CA CYS A 524 12.39 -35.52 2.21
C CYS A 524 11.55 -35.81 0.96
N GLN A 525 12.00 -36.74 0.12
CA GLN A 525 11.22 -37.23 -1.01
C GLN A 525 10.83 -36.11 -1.97
N LEU A 526 11.73 -35.14 -2.17
CA LEU A 526 11.46 -34.04 -3.08
C LEU A 526 12.05 -34.24 -4.47
N GLU A 527 12.88 -35.26 -4.69
CA GLU A 527 13.54 -35.40 -5.98
C GLU A 527 12.56 -35.82 -7.07
N GLU A 528 11.48 -36.51 -6.71
CA GLU A 528 10.48 -36.90 -7.70
C GLU A 528 9.81 -35.66 -8.30
N ASP A 529 9.41 -34.71 -7.45
CA ASP A 529 8.70 -33.52 -7.93
C ASP A 529 9.65 -32.47 -8.50
N ILE A 530 10.86 -32.35 -7.93
CA ILE A 530 11.82 -31.39 -8.44
C ILE A 530 12.26 -31.73 -9.87
N SER A 531 12.38 -33.02 -10.18
CA SER A 531 12.79 -33.40 -11.53
C SER A 531 11.71 -33.12 -12.57
N LYS A 532 10.47 -32.87 -12.15
CA LYS A 532 9.38 -32.59 -13.06
C LYS A 532 9.19 -31.11 -13.32
N PHE A 533 10.03 -30.25 -12.74
CA PHE A 533 10.01 -28.83 -12.99
C PHE A 533 10.92 -28.49 -14.16
N ALA A 534 10.72 -27.29 -14.72
CA ALA A 534 11.49 -26.87 -15.89
C ALA A 534 12.86 -26.34 -15.49
N GLU A 535 12.91 -25.23 -14.74
CA GLU A 535 14.17 -24.73 -14.22
C GLU A 535 14.78 -25.66 -13.20
N LYS A 536 13.94 -26.45 -12.53
CA LYS A 536 14.19 -27.70 -11.82
C LYS A 536 14.97 -27.53 -10.52
N ASP A 537 15.49 -26.34 -10.22
CA ASP A 537 15.82 -26.10 -8.81
C ASP A 537 15.61 -24.64 -8.44
N ASN A 538 15.47 -23.78 -9.44
CA ASN A 538 15.45 -22.35 -9.26
C ASN A 538 14.10 -21.78 -9.69
N ILE A 539 13.05 -22.56 -9.49
CA ILE A 539 11.69 -22.05 -9.69
C ILE A 539 11.49 -20.86 -8.78
N VAL A 540 11.17 -19.71 -9.35
CA VAL A 540 10.95 -18.51 -8.56
C VAL A 540 9.54 -18.60 -7.98
N LEU A 541 9.45 -18.84 -6.67
CA LEU A 541 8.16 -18.94 -6.01
C LEU A 541 7.66 -17.56 -5.63
N GLY A 542 6.34 -17.42 -5.62
CA GLY A 542 5.73 -16.20 -5.15
C GLY A 542 5.56 -16.20 -3.64
N GLU A 543 5.12 -15.06 -3.13
CA GLU A 543 4.85 -14.92 -1.70
C GLU A 543 3.59 -15.70 -1.37
N GLY A 544 3.77 -16.90 -0.82
CA GLY A 544 2.67 -17.81 -0.50
C GLY A 544 2.88 -19.21 -1.03
N GLY A 545 3.49 -19.34 -2.21
CA GLY A 545 3.74 -20.65 -2.77
C GLY A 545 2.59 -21.27 -3.51
N ILE A 546 1.60 -20.47 -3.93
CA ILE A 546 0.43 -21.00 -4.61
C ILE A 546 0.75 -21.61 -5.97
N THR A 547 1.99 -21.51 -6.43
CA THR A 547 2.42 -22.22 -7.63
C THR A 547 2.59 -23.71 -7.37
N LEU A 548 2.53 -24.15 -6.12
CA LEU A 548 2.78 -25.53 -5.72
C LEU A 548 1.49 -26.15 -5.17
N SER A 549 1.62 -27.38 -4.69
CA SER A 549 0.52 -28.10 -4.07
C SER A 549 0.69 -28.07 -2.55
N GLY A 550 -0.21 -28.76 -1.83
CA GLY A 550 -0.16 -28.77 -0.38
C GLY A 550 1.00 -29.56 0.18
N GLY A 551 1.15 -30.81 -0.27
CA GLY A 551 2.24 -31.63 0.17
C GLY A 551 3.62 -31.12 -0.21
N GLN A 552 3.75 -30.48 -1.37
CA GLN A 552 5.04 -29.93 -1.76
C GLN A 552 5.46 -28.80 -0.83
N ARG A 553 4.53 -27.90 -0.51
CA ARG A 553 4.83 -26.84 0.46
C ARG A 553 5.15 -27.42 1.83
N ALA A 554 4.41 -28.45 2.26
CA ALA A 554 4.69 -29.07 3.54
C ALA A 554 6.08 -29.69 3.57
N ARG A 555 6.48 -30.36 2.49
CA ARG A 555 7.79 -30.99 2.46
C ARG A 555 8.92 -29.97 2.38
N ILE A 556 8.69 -28.85 1.69
CA ILE A 556 9.68 -27.78 1.69
C ILE A 556 9.83 -27.20 3.11
N SER A 557 8.71 -26.99 3.79
CA SER A 557 8.75 -26.46 5.15
C SER A 557 9.45 -27.42 6.10
N LEU A 558 9.31 -28.73 5.87
CA LEU A 558 10.02 -29.70 6.70
C LEU A 558 11.52 -29.74 6.38
N ALA A 559 11.86 -29.67 5.09
CA ALA A 559 13.28 -29.72 4.71
C ALA A 559 14.03 -28.51 5.24
N ARG A 560 13.38 -27.33 5.25
CA ARG A 560 14.04 -26.15 5.81
C ARG A 560 14.39 -26.35 7.28
N ALA A 561 13.47 -26.93 8.05
CA ALA A 561 13.75 -27.19 9.45
C ALA A 561 14.83 -28.25 9.63
N VAL A 562 14.84 -29.27 8.77
CA VAL A 562 15.84 -30.33 8.90
C VAL A 562 17.23 -29.81 8.57
N TYR A 563 17.33 -28.85 7.66
CA TYR A 563 18.64 -28.34 7.24
C TYR A 563 19.40 -27.71 8.40
N LYS A 564 18.72 -26.95 9.25
CA LYS A 564 19.39 -26.20 10.32
C LYS A 564 19.91 -27.13 11.41
N ASP A 565 21.03 -26.74 12.02
CA ASP A 565 21.66 -27.49 13.10
C ASP A 565 21.23 -26.91 14.43
N ALA A 566 20.65 -27.74 15.29
CA ALA A 566 20.15 -27.31 16.58
C ALA A 566 20.02 -28.52 17.49
N ASP A 567 19.86 -28.24 18.78
CA ASP A 567 19.74 -29.31 19.78
C ASP A 567 18.33 -29.85 19.92
N LEU A 568 17.32 -29.08 19.55
CA LEU A 568 15.93 -29.48 19.73
C LEU A 568 15.17 -29.21 18.44
N TYR A 569 14.38 -30.18 18.00
CA TYR A 569 13.59 -30.05 16.78
C TYR A 569 12.12 -30.25 17.10
N LEU A 570 11.29 -29.24 16.80
CA LEU A 570 9.86 -29.28 17.06
C LEU A 570 9.13 -29.42 15.73
N LEU A 571 8.32 -30.48 15.59
CA LEU A 571 7.60 -30.74 14.36
C LEU A 571 6.11 -30.88 14.68
N ASP A 572 5.32 -29.88 14.26
CA ASP A 572 3.90 -29.80 14.58
C ASP A 572 3.09 -30.36 13.40
N SER A 573 2.82 -31.65 13.44
CA SER A 573 2.02 -32.36 12.44
C SER A 573 2.48 -32.10 11.02
N PRO A 574 3.66 -32.59 10.61
CA PRO A 574 4.09 -32.37 9.22
C PRO A 574 3.43 -33.31 8.22
N PHE A 575 2.86 -34.43 8.66
CA PHE A 575 2.35 -35.48 7.78
C PHE A 575 0.88 -35.30 7.41
N GLY A 576 0.36 -34.07 7.51
CA GLY A 576 -1.05 -33.88 7.28
C GLY A 576 -1.49 -34.14 5.85
N TYR A 577 -0.73 -33.64 4.88
CA TYR A 577 -1.13 -33.67 3.47
C TYR A 577 -0.47 -34.78 2.68
N LEU A 578 0.29 -35.67 3.33
CA LEU A 578 1.02 -36.71 2.64
C LEU A 578 0.22 -38.00 2.62
N ASP A 579 0.44 -38.82 1.59
CA ASP A 579 -0.17 -40.13 1.54
C ASP A 579 0.61 -41.11 2.40
N VAL A 580 0.17 -42.36 2.41
CA VAL A 580 0.74 -43.33 3.36
C VAL A 580 2.18 -43.68 3.00
N LEU A 581 2.45 -43.87 1.71
CA LEU A 581 3.79 -44.30 1.30
C LEU A 581 4.82 -43.19 1.52
N THR A 582 4.50 -41.97 1.09
CA THR A 582 5.43 -40.85 1.27
C THR A 582 5.65 -40.56 2.74
N GLU A 583 4.59 -40.61 3.55
CA GLU A 583 4.73 -40.38 4.98
C GLU A 583 5.60 -41.45 5.63
N LYS A 584 5.38 -42.72 5.26
CA LYS A 584 6.19 -43.77 5.83
C LYS A 584 7.66 -43.61 5.46
N GLU A 585 7.94 -43.28 4.20
CA GLU A 585 9.32 -43.10 3.77
C GLU A 585 9.98 -41.95 4.51
N ILE A 586 9.28 -40.81 4.62
CA ILE A 586 9.85 -39.64 5.29
C ILE A 586 10.11 -39.95 6.75
N PHE A 587 9.14 -40.58 7.43
CA PHE A 587 9.29 -40.86 8.85
C PHE A 587 10.42 -41.85 9.10
N GLU A 588 10.55 -42.88 8.26
CA GLU A 588 11.53 -43.92 8.48
C GLU A 588 12.93 -43.57 7.98
N SER A 589 13.08 -42.55 7.15
CA SER A 589 14.41 -42.20 6.65
C SER A 589 14.82 -40.76 6.89
N CYS A 590 14.04 -39.98 7.63
CA CYS A 590 14.40 -38.59 7.88
C CYS A 590 14.33 -38.25 9.37
N VAL A 591 13.44 -38.92 10.09
CA VAL A 591 13.31 -38.70 11.52
C VAL A 591 13.94 -39.83 12.33
N CYS A 592 14.07 -41.02 11.76
CA CYS A 592 14.59 -42.17 12.48
C CYS A 592 15.99 -42.59 12.03
N LYS A 593 16.53 -41.99 10.98
CA LYS A 593 17.87 -42.35 10.52
C LYS A 593 18.79 -41.17 10.26
N LEU A 594 18.28 -40.00 9.86
CA LEU A 594 19.14 -38.86 9.56
C LEU A 594 19.48 -38.04 10.78
N MET A 595 18.52 -37.83 11.67
CA MET A 595 18.70 -37.03 12.88
C MET A 595 18.29 -37.84 14.10
N ALA A 596 18.79 -39.08 14.17
CA ALA A 596 18.51 -39.96 15.28
C ALA A 596 19.30 -39.62 16.53
N ASN A 597 20.37 -38.83 16.42
CA ASN A 597 21.18 -38.43 17.55
C ASN A 597 20.83 -37.03 18.05
N LYS A 598 19.61 -36.58 17.79
CA LYS A 598 19.15 -35.26 18.18
C LYS A 598 17.82 -35.38 18.90
N THR A 599 17.55 -34.45 19.81
CA THR A 599 16.28 -34.46 20.54
C THR A 599 15.20 -33.81 19.70
N ARG A 600 14.08 -34.52 19.53
CA ARG A 600 13.00 -34.00 18.71
C ARG A 600 11.65 -34.38 19.31
N ILE A 601 10.72 -33.42 19.25
CA ILE A 601 9.36 -33.56 19.72
C ILE A 601 8.44 -33.46 18.52
N LEU A 602 7.69 -34.53 18.27
CA LEU A 602 6.82 -34.64 17.10
C LEU A 602 5.37 -34.74 17.54
N VAL A 603 4.52 -33.89 16.99
CA VAL A 603 3.08 -33.99 17.21
C VAL A 603 2.51 -34.91 16.14
N THR A 604 1.84 -35.98 16.56
CA THR A 604 1.38 -37.03 15.66
C THR A 604 0.10 -37.63 16.19
N SER A 605 -0.56 -38.43 15.36
CA SER A 605 -1.81 -39.06 15.74
C SER A 605 -1.78 -40.56 15.53
N LYS A 606 -1.05 -41.02 14.52
CA LYS A 606 -1.08 -42.44 14.16
C LYS A 606 -0.52 -43.31 15.28
N MET A 607 -1.15 -44.47 15.47
CA MET A 607 -0.72 -45.43 16.48
C MET A 607 0.61 -46.07 16.13
N GLU A 608 1.06 -45.98 14.87
CA GLU A 608 2.33 -46.54 14.47
C GLU A 608 3.51 -45.68 14.92
N HIS A 609 3.36 -44.35 14.91
CA HIS A 609 4.46 -43.47 15.30
C HIS A 609 4.75 -43.56 16.79
N LEU A 610 3.73 -43.87 17.60
CA LEU A 610 3.91 -44.02 19.04
C LEU A 610 4.69 -45.26 19.42
N LYS A 611 4.80 -46.24 18.51
CA LYS A 611 5.53 -47.47 18.83
C LYS A 611 6.99 -47.19 19.14
N LYS A 612 7.64 -46.37 18.31
CA LYS A 612 9.08 -46.15 18.39
C LYS A 612 9.43 -44.77 18.94
N ALA A 613 8.60 -44.25 19.84
CA ALA A 613 8.94 -43.07 20.62
C ALA A 613 9.45 -43.51 21.99
N ASP A 614 10.11 -42.58 22.68
CA ASP A 614 10.67 -42.88 23.98
C ASP A 614 9.72 -42.49 25.11
N LYS A 615 9.08 -41.33 24.99
CA LYS A 615 8.07 -40.89 25.95
C LYS A 615 6.84 -40.42 25.18
N ILE A 616 5.66 -40.65 25.76
CA ILE A 616 4.40 -40.30 25.13
C ILE A 616 3.62 -39.40 26.06
N LEU A 617 3.10 -38.30 25.52
CA LEU A 617 2.25 -37.37 26.27
C LEU A 617 0.94 -37.24 25.51
N ILE A 618 -0.16 -37.47 26.21
CA ILE A 618 -1.49 -37.38 25.63
C ILE A 618 -2.26 -36.30 26.38
N LEU A 619 -2.81 -35.34 25.64
CA LEU A 619 -3.57 -34.25 26.23
C LEU A 619 -5.06 -34.45 26.01
N HIS A 620 -5.86 -34.02 27.00
CA HIS A 620 -7.31 -34.10 26.90
C HIS A 620 -7.90 -32.80 27.42
N GLU A 621 -8.10 -31.84 26.52
CA GLU A 621 -8.72 -30.56 26.83
C GLU A 621 -7.91 -29.76 27.85
N GLY A 622 -6.61 -29.98 27.87
CA GLY A 622 -5.74 -29.20 28.74
C GLY A 622 -4.89 -30.01 29.69
N SER A 623 -5.40 -31.13 30.18
CA SER A 623 -4.71 -31.91 31.19
C SER A 623 -4.04 -33.13 30.56
N SER A 624 -2.93 -33.54 31.16
CA SER A 624 -2.17 -34.71 30.70
C SER A 624 -2.93 -35.96 31.12
N TYR A 625 -3.65 -36.56 30.17
CA TYR A 625 -4.38 -37.79 30.45
C TYR A 625 -3.43 -38.97 30.66
N PHE A 626 -2.23 -38.90 30.07
CA PHE A 626 -1.25 -39.97 30.20
C PHE A 626 0.12 -39.41 29.88
N TYR A 627 1.11 -39.83 30.68
CA TYR A 627 2.51 -39.54 30.40
C TYR A 627 3.34 -40.76 30.75
N GLY A 628 4.22 -41.16 29.84
CA GLY A 628 5.05 -42.32 30.08
C GLY A 628 5.60 -42.95 28.82
N THR A 629 5.69 -44.27 28.80
CA THR A 629 6.22 -45.03 27.69
C THR A 629 5.10 -45.85 27.05
N PHE A 630 5.42 -46.52 25.96
CA PHE A 630 4.46 -47.37 25.28
C PHE A 630 4.33 -48.75 25.92
N SER A 631 5.38 -49.23 26.59
CA SER A 631 5.26 -50.47 27.34
C SER A 631 4.36 -50.33 28.55
N GLU A 632 4.09 -49.09 28.98
CA GLU A 632 3.21 -48.84 30.11
C GLU A 632 1.77 -48.54 29.67
N LEU A 633 1.59 -47.92 28.50
CA LEU A 633 0.25 -47.67 27.99
C LEU A 633 -0.47 -48.97 27.67
N GLN A 634 0.25 -49.94 27.11
CA GLN A 634 -0.37 -51.24 26.82
C GLN A 634 -0.67 -52.04 28.08
N ASN A 635 0.04 -51.75 29.18
CA ASN A 635 -0.28 -52.34 30.48
C ASN A 635 -1.43 -51.63 31.18
N LEU A 636 -1.70 -50.37 30.83
CA LEU A 636 -2.79 -49.59 31.42
C LEU A 636 -4.12 -50.32 31.39
N TRP A 846 -3.75 13.16 -23.34
CA TRP A 846 -3.50 12.00 -24.17
C TRP A 846 -4.46 10.86 -23.85
N ASN A 847 -5.75 11.08 -24.11
CA ASN A 847 -6.77 10.04 -23.92
C ASN A 847 -6.85 9.56 -22.48
N THR A 848 -6.07 10.17 -21.59
CA THR A 848 -6.16 9.94 -20.16
C THR A 848 -6.97 11.05 -19.49
N TYR A 849 -6.68 12.31 -19.85
CA TYR A 849 -7.56 13.41 -19.46
C TYR A 849 -8.95 13.23 -20.06
N LEU A 850 -9.01 12.86 -21.34
CA LEU A 850 -10.28 12.71 -22.03
C LEU A 850 -11.08 11.55 -21.44
N ARG A 851 -10.42 10.45 -21.11
CA ARG A 851 -11.10 9.35 -20.45
C ARG A 851 -11.52 9.70 -19.03
N TYR A 852 -10.77 10.56 -18.35
CA TYR A 852 -11.11 10.96 -16.99
C TYR A 852 -12.29 11.90 -16.94
N ILE A 853 -12.40 12.81 -17.92
CA ILE A 853 -13.51 13.75 -17.93
C ILE A 853 -14.83 13.05 -18.25
N THR A 854 -14.81 12.06 -19.14
CA THR A 854 -16.03 11.43 -19.62
C THR A 854 -16.47 10.24 -18.78
N VAL A 855 -15.80 9.98 -17.65
CA VAL A 855 -16.27 8.94 -16.73
C VAL A 855 -17.65 9.28 -16.19
N HIS A 856 -17.87 10.54 -15.83
CA HIS A 856 -19.14 11.02 -15.27
C HIS A 856 -19.70 12.09 -16.19
N LYS A 857 -20.99 12.00 -16.50
CA LYS A 857 -21.64 12.94 -17.40
C LYS A 857 -21.98 14.26 -16.73
N SER A 858 -21.88 14.36 -15.41
CA SER A 858 -22.16 15.62 -14.74
C SER A 858 -20.95 16.56 -14.70
N LEU A 859 -19.74 16.01 -14.84
CA LEU A 859 -18.55 16.85 -14.86
C LEU A 859 -18.58 17.80 -16.05
N ILE A 860 -19.03 17.32 -17.20
CA ILE A 860 -19.12 18.18 -18.39
C ILE A 860 -20.11 19.31 -18.16
N PHE A 861 -21.24 19.02 -17.51
CA PHE A 861 -22.23 20.06 -17.22
C PHE A 861 -21.63 21.12 -16.29
N VAL A 862 -20.93 20.67 -15.24
CA VAL A 862 -20.32 21.63 -14.33
C VAL A 862 -19.27 22.48 -15.05
N LEU A 863 -18.50 21.87 -15.95
CA LEU A 863 -17.47 22.63 -16.68
C LEU A 863 -18.10 23.66 -17.61
N ILE A 864 -19.19 23.29 -18.30
CA ILE A 864 -19.85 24.24 -19.18
C ILE A 864 -20.47 25.39 -18.38
N TRP A 865 -20.99 25.09 -17.19
CA TRP A 865 -21.48 26.14 -16.30
C TRP A 865 -20.35 27.11 -15.92
N CYS A 866 -19.20 26.55 -15.54
CA CYS A 866 -18.04 27.35 -15.15
C CYS A 866 -17.49 28.18 -16.31
N LEU A 867 -17.62 27.70 -17.54
CA LEU A 867 -17.24 28.48 -18.71
C LEU A 867 -18.22 29.58 -19.07
N VAL A 868 -19.52 29.32 -18.98
CA VAL A 868 -20.51 30.34 -19.34
C VAL A 868 -20.49 31.48 -18.34
N ILE A 869 -20.28 31.23 -17.05
CA ILE A 869 -20.14 32.36 -16.13
C ILE A 869 -18.89 33.18 -16.42
N PHE A 870 -17.79 32.50 -16.73
CA PHE A 870 -16.53 33.19 -16.98
C PHE A 870 -16.60 34.10 -18.19
N LEU A 871 -17.25 33.63 -19.27
CA LEU A 871 -17.36 34.48 -20.45
C LEU A 871 -18.17 35.73 -20.18
N ALA A 872 -19.26 35.61 -19.41
CA ALA A 872 -20.05 36.78 -19.04
C ALA A 872 -19.23 37.76 -18.20
N GLU A 873 -18.44 37.24 -17.26
CA GLU A 873 -17.58 38.12 -16.47
C GLU A 873 -16.58 38.87 -17.35
N VAL A 874 -16.00 38.17 -18.32
CA VAL A 874 -15.05 38.83 -19.23
C VAL A 874 -15.75 39.92 -20.04
N ALA A 875 -16.95 39.62 -20.55
CA ALA A 875 -17.69 40.61 -21.32
C ALA A 875 -18.10 41.82 -20.49
N ALA A 876 -18.38 41.64 -19.19
CA ALA A 876 -18.70 42.78 -18.35
C ALA A 876 -17.48 43.63 -18.03
N SER A 877 -16.34 42.98 -17.76
CA SER A 877 -15.11 43.73 -17.52
C SER A 877 -14.71 44.53 -18.75
N LEU A 878 -14.89 43.93 -19.93
CA LEU A 878 -14.53 44.63 -21.16
C LEU A 878 -15.33 45.93 -21.32
N VAL A 879 -16.63 45.88 -21.05
CA VAL A 879 -17.45 47.07 -21.25
C VAL A 879 -17.23 48.09 -20.13
N VAL A 880 -16.90 47.65 -18.91
CA VAL A 880 -16.62 48.66 -17.90
C VAL A 880 -15.28 49.35 -18.16
N LEU A 881 -14.28 48.64 -18.68
CA LEU A 881 -13.05 49.32 -19.12
C LEU A 881 -13.27 50.22 -20.32
N TRP A 882 -14.03 49.75 -21.31
CA TRP A 882 -14.27 50.53 -22.52
C TRP A 882 -15.07 51.80 -22.24
N LEU A 883 -15.79 51.85 -21.12
CA LEU A 883 -16.61 53.00 -20.77
C LEU A 883 -15.85 53.99 -19.89
N LEU A 884 -14.60 53.71 -19.56
CA LEU A 884 -13.77 54.67 -18.85
C LEU A 884 -13.04 55.60 -19.82
N GLY A 885 -12.39 55.03 -20.83
CA GLY A 885 -11.67 55.83 -21.81
C GLY A 885 -12.57 56.67 -22.70
N ASN A 886 -13.86 56.38 -22.75
CA ASN A 886 -14.80 57.14 -23.55
C ASN A 886 -15.60 58.16 -22.73
N THR A 887 -15.21 58.40 -21.49
CA THR A 887 -15.89 59.36 -20.63
C THR A 887 -14.86 60.22 -19.90
N PRO A 888 -15.24 61.43 -19.49
CA PRO A 888 -14.40 62.41 -18.78
C PRO A 888 -13.84 61.87 -17.47
N SER A 902 -11.67 67.75 -8.14
CA SER A 902 -13.00 67.23 -8.41
C SER A 902 -13.30 66.02 -7.53
N TYR A 903 -13.35 64.84 -8.16
CA TYR A 903 -13.58 63.62 -7.41
C TYR A 903 -12.33 63.24 -6.62
N ALA A 904 -12.48 62.22 -5.77
CA ALA A 904 -11.38 61.77 -4.93
C ALA A 904 -10.16 61.36 -5.76
N VAL A 905 -10.38 60.52 -6.76
CA VAL A 905 -9.27 60.01 -7.57
C VAL A 905 -8.87 61.07 -8.58
N ILE A 906 -7.61 61.46 -8.56
CA ILE A 906 -7.09 62.47 -9.49
C ILE A 906 -6.47 61.74 -10.68
N ILE A 907 -7.00 61.99 -11.87
CA ILE A 907 -6.58 61.32 -13.10
C ILE A 907 -6.31 62.37 -14.16
N THR A 908 -5.22 62.22 -14.89
CA THR A 908 -4.84 63.12 -15.96
C THR A 908 -4.69 62.34 -17.26
N SER A 909 -4.21 63.00 -18.30
CA SER A 909 -4.04 62.38 -19.61
C SER A 909 -2.70 61.65 -19.74
N THR A 910 -1.64 62.18 -19.16
CA THR A 910 -0.33 61.54 -19.28
C THR A 910 -0.11 60.45 -18.23
N SER A 911 -1.06 60.23 -17.32
CA SER A 911 -0.94 59.14 -16.35
C SER A 911 -2.17 58.23 -16.35
N SER A 912 -2.91 58.20 -17.45
CA SER A 912 -4.07 57.32 -17.54
C SER A 912 -3.70 55.88 -17.86
N TYR A 913 -2.48 55.63 -18.34
CA TYR A 913 -2.04 54.26 -18.62
C TYR A 913 -2.07 53.38 -17.40
N TYR A 914 -2.26 53.94 -16.20
CA TYR A 914 -2.38 53.15 -14.99
C TYR A 914 -3.68 52.36 -14.95
N VAL A 915 -4.69 52.77 -15.71
CA VAL A 915 -5.99 52.08 -15.67
C VAL A 915 -5.83 50.60 -15.99
N PHE A 916 -4.96 50.25 -16.93
CA PHE A 916 -4.72 48.84 -17.20
C PHE A 916 -3.85 48.22 -16.12
N TYR A 917 -2.83 48.94 -15.65
CA TYR A 917 -1.96 48.40 -14.60
C TYR A 917 -2.76 48.06 -13.35
N ILE A 918 -3.70 48.93 -12.98
CA ILE A 918 -4.58 48.67 -11.85
C ILE A 918 -5.50 47.48 -12.14
N TYR A 919 -5.95 47.34 -13.39
CA TYR A 919 -6.87 46.25 -13.69
C TYR A 919 -6.20 44.89 -13.54
N VAL A 920 -5.00 44.76 -14.10
CA VAL A 920 -4.30 43.48 -14.09
C VAL A 920 -4.03 43.00 -12.67
N GLY A 921 -3.85 43.94 -11.73
CA GLY A 921 -3.62 43.57 -10.35
C GLY A 921 -4.86 43.19 -9.57
N VAL A 922 -6.05 43.50 -10.09
CA VAL A 922 -7.29 43.24 -9.39
C VAL A 922 -8.13 42.16 -10.06
N ALA A 923 -7.80 41.76 -11.29
CA ALA A 923 -8.59 40.75 -11.99
C ALA A 923 -8.67 39.44 -11.21
N ASP A 924 -7.71 39.13 -10.30
CA ASP A 924 -7.79 37.95 -9.45
C ASP A 924 -9.10 37.88 -8.68
N THR A 925 -9.60 39.01 -8.27
CA THR A 925 -10.90 38.98 -7.61
C THR A 925 -12.05 39.01 -8.60
N LEU A 926 -11.88 39.64 -9.76
CA LEU A 926 -12.95 39.75 -10.72
C LEU A 926 -13.20 38.46 -11.49
N LEU A 927 -12.22 37.56 -11.54
CA LEU A 927 -12.34 36.30 -12.29
C LEU A 927 -12.22 35.09 -11.38
N ALA A 928 -12.44 35.26 -10.08
CA ALA A 928 -12.33 34.17 -9.12
C ALA A 928 -13.61 33.35 -9.07
N MET A 929 -13.49 32.12 -8.56
CA MET A 929 -14.60 31.17 -8.52
C MET A 929 -15.27 31.23 -7.15
N GLY A 930 -16.52 31.69 -7.11
CA GLY A 930 -17.29 31.69 -5.90
C GLY A 930 -17.85 30.32 -5.59
N PHE A 931 -18.65 30.25 -4.51
CA PHE A 931 -19.17 28.95 -4.11
C PHE A 931 -20.25 28.43 -5.04
N PHE A 932 -20.74 29.25 -5.98
CA PHE A 932 -21.64 28.75 -7.01
C PHE A 932 -20.91 27.97 -8.10
N ARG A 933 -19.58 27.95 -8.07
CA ARG A 933 -18.80 27.20 -9.04
C ARG A 933 -17.76 26.27 -8.42
N GLY A 934 -17.32 26.51 -7.19
CA GLY A 934 -16.25 25.74 -6.60
C GLY A 934 -16.69 24.53 -5.81
N LEU A 935 -17.91 24.55 -5.29
CA LEU A 935 -18.42 23.40 -4.54
C LEU A 935 -18.92 22.31 -5.48
N PRO A 936 -19.71 22.63 -6.51
CA PRO A 936 -20.09 21.58 -7.47
C PRO A 936 -18.91 20.92 -8.15
N LEU A 937 -17.85 21.67 -8.45
CA LEU A 937 -16.69 21.09 -9.11
C LEU A 937 -16.04 20.03 -8.22
N VAL A 938 -15.83 20.35 -6.94
CA VAL A 938 -15.23 19.41 -6.02
C VAL A 938 -16.13 18.20 -5.82
N HIS A 939 -17.45 18.42 -5.67
CA HIS A 939 -18.39 17.32 -5.51
C HIS A 939 -18.30 16.35 -6.69
N THR A 940 -18.39 16.87 -7.90
CA THR A 940 -18.42 16.02 -9.09
C THR A 940 -17.07 15.39 -9.37
N LEU A 941 -15.97 16.01 -8.94
CA LEU A 941 -14.67 15.36 -9.07
C LEU A 941 -14.47 14.25 -8.05
N ILE A 942 -15.06 14.37 -6.86
CA ILE A 942 -15.00 13.27 -5.89
C ILE A 942 -15.88 12.09 -6.29
N THR A 943 -16.98 12.34 -6.99
CA THR A 943 -17.82 11.22 -7.44
C THR A 943 -17.10 10.33 -8.46
N VAL A 944 -16.18 10.92 -9.24
CA VAL A 944 -15.44 10.16 -10.24
C VAL A 944 -14.59 9.09 -9.56
N SER A 945 -14.02 9.40 -8.40
CA SER A 945 -13.22 8.42 -7.68
C SER A 945 -14.06 7.24 -7.20
N LYS A 946 -15.28 7.50 -6.74
CA LYS A 946 -16.18 6.41 -6.38
C LYS A 946 -16.46 5.51 -7.57
N ILE A 947 -16.78 6.12 -8.71
CA ILE A 947 -17.07 5.33 -9.92
C ILE A 947 -15.85 4.48 -10.30
N LEU A 948 -14.67 5.09 -10.28
CA LEU A 948 -13.47 4.40 -10.71
C LEU A 948 -13.09 3.27 -9.76
N HIS A 949 -13.26 3.48 -8.45
CA HIS A 949 -12.97 2.41 -7.50
C HIS A 949 -13.93 1.25 -7.69
N HIS A 950 -15.22 1.53 -7.91
CA HIS A 950 -16.17 0.45 -8.15
C HIS A 950 -15.78 -0.34 -9.39
N LYS A 951 -15.44 0.36 -10.47
CA LYS A 951 -15.06 -0.33 -11.70
C LYS A 951 -13.80 -1.15 -11.51
N MET A 952 -12.81 -0.61 -10.81
CA MET A 952 -11.55 -1.30 -10.58
C MET A 952 -11.76 -2.59 -9.78
N LEU A 953 -12.50 -2.51 -8.67
CA LEU A 953 -12.75 -3.70 -7.87
C LEU A 953 -13.56 -4.73 -8.65
N HIS A 954 -14.55 -4.28 -9.42
CA HIS A 954 -15.36 -5.21 -10.20
C HIS A 954 -14.52 -5.92 -11.25
N SER A 955 -13.60 -5.19 -11.90
CA SER A 955 -12.80 -5.79 -12.96
C SER A 955 -11.71 -6.70 -12.44
N VAL A 956 -11.20 -6.45 -11.23
CA VAL A 956 -10.17 -7.33 -10.68
C VAL A 956 -10.76 -8.68 -10.31
N LEU A 957 -11.96 -8.70 -9.72
CA LEU A 957 -12.52 -9.94 -9.19
C LEU A 957 -12.97 -10.92 -10.27
N GLN A 958 -12.97 -10.52 -11.56
CA GLN A 958 -13.45 -11.41 -12.62
C GLN A 958 -12.37 -11.72 -13.64
N ALA A 959 -11.13 -11.40 -13.37
CA ALA A 959 -10.04 -11.76 -14.26
C ALA A 959 -9.71 -13.24 -14.14
N PRO A 960 -9.17 -13.85 -15.20
CA PRO A 960 -8.80 -15.26 -15.11
C PRO A 960 -7.62 -15.48 -14.16
N MET A 961 -7.50 -16.72 -13.69
CA MET A 961 -6.46 -17.05 -12.73
C MET A 961 -5.07 -16.97 -13.32
N SER A 962 -4.92 -17.23 -14.62
CA SER A 962 -3.61 -17.07 -15.26
C SER A 962 -3.16 -15.62 -15.24
N THR A 963 -4.09 -14.67 -15.36
CA THR A 963 -3.77 -13.26 -15.23
C THR A 963 -3.52 -12.86 -13.79
N LEU A 964 -4.28 -13.42 -12.85
CA LEU A 964 -4.17 -13.04 -11.45
C LEU A 964 -2.93 -13.61 -10.78
N ASN A 965 -2.40 -14.73 -11.26
CA ASN A 965 -1.21 -15.31 -10.63
C ASN A 965 0.04 -14.48 -10.89
N THR A 966 0.11 -13.80 -12.03
CA THR A 966 1.25 -12.96 -12.34
C THR A 966 1.34 -11.71 -11.46
N LEU A 967 0.30 -11.39 -10.71
CA LEU A 967 0.30 -10.24 -9.81
C LEU A 967 1.00 -10.58 -8.50
N LYS A 968 1.28 -9.54 -7.72
CA LYS A 968 1.93 -9.67 -6.42
C LYS A 968 1.07 -9.00 -5.35
N ALA A 969 1.30 -9.39 -4.10
CA ALA A 969 0.55 -8.82 -2.99
C ALA A 969 0.86 -7.34 -2.80
N GLY A 970 2.15 -7.00 -2.85
CA GLY A 970 2.55 -5.62 -2.65
C GLY A 970 2.03 -4.69 -3.72
N GLY A 971 2.00 -5.15 -4.98
CA GLY A 971 1.49 -4.32 -6.05
C GLY A 971 0.01 -4.04 -5.92
N ILE A 972 -0.76 -5.07 -5.59
CA ILE A 972 -2.20 -4.91 -5.37
C ILE A 972 -2.44 -3.95 -4.21
N LEU A 973 -1.72 -4.15 -3.10
CA LEU A 973 -1.89 -3.29 -1.94
C LEU A 973 -1.52 -1.85 -2.25
N ASN A 974 -0.42 -1.65 -2.98
CA ASN A 974 0.00 -0.33 -3.42
C ASN A 974 -1.10 0.35 -4.22
N ARG A 975 -1.60 -0.33 -5.25
CA ARG A 975 -2.56 0.31 -6.14
C ARG A 975 -3.88 0.58 -5.44
N PHE A 976 -4.29 -0.26 -4.49
CA PHE A 976 -5.56 -0.04 -3.81
C PHE A 976 -5.46 0.93 -2.64
N SER A 977 -4.27 1.19 -2.11
CA SER A 977 -4.12 2.18 -1.04
C SER A 977 -3.68 3.54 -1.57
N LYS A 978 -2.49 3.62 -2.17
CA LYS A 978 -1.87 4.91 -2.43
C LYS A 978 -2.52 5.65 -3.59
N ASP A 979 -2.70 4.96 -4.73
CA ASP A 979 -3.30 5.62 -5.89
C ASP A 979 -4.73 6.04 -5.62
N ILE A 980 -5.49 5.21 -4.91
CA ILE A 980 -6.86 5.56 -4.57
C ILE A 980 -6.89 6.76 -3.61
N ALA A 981 -6.02 6.77 -2.60
CA ALA A 981 -5.97 7.93 -1.72
C ALA A 981 -5.60 9.19 -2.48
N ILE A 982 -4.72 9.08 -3.46
CA ILE A 982 -4.39 10.22 -4.30
C ILE A 982 -5.62 10.73 -5.02
N LEU A 983 -6.34 9.81 -5.69
CA LEU A 983 -7.54 10.17 -6.45
C LEU A 983 -8.64 10.76 -5.59
N ASP A 984 -8.70 10.41 -4.31
CA ASP A 984 -9.72 10.99 -3.44
C ASP A 984 -9.29 12.29 -2.78
N ASP A 985 -8.00 12.50 -2.51
CA ASP A 985 -7.57 13.66 -1.76
C ASP A 985 -6.91 14.73 -2.62
N LEU A 986 -5.88 14.38 -3.38
CA LEU A 986 -5.00 15.42 -3.94
C LEU A 986 -5.42 15.90 -5.32
N LEU A 987 -6.27 15.17 -6.02
CA LEU A 987 -6.60 15.55 -7.38
C LEU A 987 -7.60 16.70 -7.48
N PRO A 988 -8.72 16.67 -6.73
CA PRO A 988 -9.74 17.74 -6.92
C PRO A 988 -9.21 19.15 -6.70
N LEU A 989 -8.51 19.39 -5.60
CA LEU A 989 -8.10 20.75 -5.28
C LEU A 989 -6.94 21.23 -6.16
N THR A 990 -6.04 20.32 -6.55
CA THR A 990 -4.99 20.69 -7.51
C THR A 990 -5.60 21.07 -8.85
N ILE A 991 -6.59 20.29 -9.31
CA ILE A 991 -7.26 20.63 -10.57
C ILE A 991 -7.98 21.97 -10.44
N PHE A 992 -8.60 22.22 -9.29
CA PHE A 992 -9.29 23.48 -9.06
C PHE A 992 -8.32 24.66 -9.14
N ASP A 993 -7.16 24.55 -8.51
CA ASP A 993 -6.17 25.63 -8.58
C ASP A 993 -5.68 25.84 -10.01
N PHE A 994 -5.43 24.74 -10.74
CA PHE A 994 -4.98 24.87 -12.11
C PHE A 994 -6.00 25.60 -12.97
N ILE A 995 -7.28 25.21 -12.84
CA ILE A 995 -8.33 25.83 -13.63
C ILE A 995 -8.48 27.30 -13.27
N GLN A 996 -8.43 27.62 -11.98
CA GLN A 996 -8.56 29.01 -11.55
C GLN A 996 -7.47 29.89 -12.14
N LEU A 997 -6.21 29.45 -12.03
CA LEU A 997 -5.10 30.24 -12.55
C LEU A 997 -5.18 30.37 -14.07
N LEU A 998 -5.58 29.30 -14.75
CA LEU A 998 -5.69 29.35 -16.21
C LEU A 998 -6.75 30.36 -16.64
N LEU A 999 -7.90 30.36 -15.97
CA LEU A 999 -8.95 31.32 -16.30
C LEU A 999 -8.48 32.75 -16.05
N ILE A 1000 -7.75 32.96 -14.95
CA ILE A 1000 -7.25 34.31 -14.66
C ILE A 1000 -6.34 34.79 -15.78
N VAL A 1001 -5.40 33.94 -16.20
CA VAL A 1001 -4.46 34.33 -17.25
C VAL A 1001 -5.20 34.62 -18.56
N ILE A 1002 -6.11 33.73 -18.95
CA ILE A 1002 -6.80 33.91 -20.23
C ILE A 1002 -7.64 35.19 -20.22
N GLY A 1003 -8.35 35.45 -19.12
CA GLY A 1003 -9.14 36.67 -19.05
C GLY A 1003 -8.27 37.92 -19.10
N ALA A 1004 -7.17 37.92 -18.35
CA ALA A 1004 -6.28 39.09 -18.35
C ALA A 1004 -5.73 39.35 -19.74
N ILE A 1005 -5.35 38.29 -20.47
CA ILE A 1005 -4.82 38.49 -21.81
C ILE A 1005 -5.90 38.99 -22.76
N ALA A 1006 -7.09 38.39 -22.74
CA ALA A 1006 -8.11 38.72 -23.72
C ALA A 1006 -8.63 40.14 -23.52
N VAL A 1007 -8.88 40.53 -22.27
CA VAL A 1007 -9.49 41.84 -22.01
C VAL A 1007 -8.58 42.95 -22.54
N VAL A 1008 -7.28 42.82 -22.33
CA VAL A 1008 -6.34 43.86 -22.75
C VAL A 1008 -6.03 43.75 -24.24
N ALA A 1009 -5.88 42.54 -24.78
CA ALA A 1009 -5.61 42.39 -26.21
C ALA A 1009 -6.79 42.82 -27.08
N VAL A 1010 -8.00 42.91 -26.52
CA VAL A 1010 -9.08 43.52 -27.28
C VAL A 1010 -8.85 45.03 -27.41
N LEU A 1011 -8.46 45.69 -26.31
CA LEU A 1011 -8.32 47.14 -26.30
C LEU A 1011 -6.96 47.61 -26.83
N GLN A 1012 -5.91 46.81 -26.66
CA GLN A 1012 -4.60 47.11 -27.23
C GLN A 1012 -4.06 45.87 -27.92
N PRO A 1013 -4.05 45.82 -29.24
CA PRO A 1013 -3.51 44.65 -29.96
C PRO A 1013 -1.99 44.66 -30.13
N TYR A 1014 -1.28 45.02 -29.06
CA TYR A 1014 0.17 44.90 -29.00
C TYR A 1014 0.67 44.07 -27.82
N ILE A 1015 -0.04 44.06 -26.69
CA ILE A 1015 0.43 43.32 -25.53
C ILE A 1015 0.37 41.82 -25.78
N PHE A 1016 -0.62 41.36 -26.53
CA PHE A 1016 -0.64 39.96 -26.95
C PHE A 1016 0.60 39.62 -27.77
N VAL A 1017 0.96 40.50 -28.70
CA VAL A 1017 2.14 40.28 -29.54
C VAL A 1017 3.41 40.23 -28.69
N ALA A 1018 3.48 41.06 -27.65
CA ALA A 1018 4.63 41.02 -26.77
C ALA A 1018 4.66 39.76 -25.93
N THR A 1019 3.49 39.27 -25.50
CA THR A 1019 3.47 38.09 -24.64
C THR A 1019 3.75 36.80 -25.39
N VAL A 1020 3.47 36.76 -26.70
CA VAL A 1020 3.61 35.50 -27.44
C VAL A 1020 4.98 34.84 -27.29
N PRO A 1021 6.11 35.53 -27.49
CA PRO A 1021 7.42 34.84 -27.45
C PRO A 1021 7.77 34.24 -26.10
N VAL A 1022 7.17 34.68 -25.00
CA VAL A 1022 7.44 34.06 -23.71
C VAL A 1022 6.56 32.83 -23.50
N ILE A 1023 5.32 32.90 -23.96
CA ILE A 1023 4.42 31.75 -23.91
C ILE A 1023 5.02 30.59 -24.70
N VAL A 1024 5.56 30.89 -25.88
CA VAL A 1024 6.11 29.82 -26.73
C VAL A 1024 7.28 29.14 -26.04
N ALA A 1025 8.17 29.93 -25.41
CA ALA A 1025 9.30 29.35 -24.71
C ALA A 1025 8.87 28.50 -23.52
N PHE A 1026 7.89 28.99 -22.76
CA PHE A 1026 7.38 28.20 -21.63
C PHE A 1026 6.84 26.86 -22.11
N ILE A 1027 6.04 26.88 -23.18
CA ILE A 1027 5.44 25.65 -23.68
C ILE A 1027 6.51 24.69 -24.20
N MET A 1028 7.51 25.22 -24.93
CA MET A 1028 8.58 24.37 -25.43
C MET A 1028 9.32 23.68 -24.30
N LEU A 1029 9.68 24.43 -23.25
CA LEU A 1029 10.42 23.82 -22.15
C LEU A 1029 9.57 22.79 -21.42
N ARG A 1030 8.28 23.08 -21.22
CA ARG A 1030 7.41 22.11 -20.55
C ARG A 1030 7.32 20.81 -21.34
N ALA A 1031 7.16 20.92 -22.67
CA ALA A 1031 7.08 19.72 -23.49
C ALA A 1031 8.40 18.95 -23.50
N TYR A 1032 9.53 19.66 -23.49
CA TYR A 1032 10.82 18.98 -23.42
C TYR A 1032 10.99 18.23 -22.10
N PHE A 1033 10.54 18.81 -20.99
CA PHE A 1033 10.78 18.20 -19.69
C PHE A 1033 9.84 17.03 -19.43
N LEU A 1034 8.59 17.11 -19.88
CA LEU A 1034 7.61 16.07 -19.54
C LEU A 1034 8.02 14.70 -20.05
N GLN A 1035 8.74 14.64 -21.18
CA GLN A 1035 9.10 13.37 -21.78
C GLN A 1035 9.87 12.48 -20.82
N THR A 1036 10.82 13.06 -20.09
CA THR A 1036 11.58 12.31 -19.09
C THR A 1036 10.87 12.29 -17.73
N SER A 1037 10.16 13.37 -17.39
CA SER A 1037 9.49 13.42 -16.09
C SER A 1037 8.48 12.29 -15.94
N GLN A 1038 7.72 12.00 -16.99
CA GLN A 1038 6.70 10.97 -16.90
C GLN A 1038 7.32 9.59 -16.68
N GLN A 1039 8.42 9.29 -17.37
CA GLN A 1039 9.10 8.01 -17.17
C GLN A 1039 9.65 7.88 -15.75
N LEU A 1040 10.26 8.95 -15.24
CA LEU A 1040 10.80 8.89 -13.88
C LEU A 1040 9.68 8.71 -12.85
N LYS A 1041 8.55 9.39 -13.06
CA LYS A 1041 7.41 9.22 -12.16
C LYS A 1041 6.84 7.82 -12.22
N GLN A 1042 6.79 7.22 -13.42
CA GLN A 1042 6.32 5.84 -13.54
C GLN A 1042 7.23 4.88 -12.79
N LEU A 1043 8.55 5.05 -12.93
CA LEU A 1043 9.48 4.20 -12.19
C LEU A 1043 9.35 4.38 -10.68
N GLU A 1044 9.21 5.62 -10.22
CA GLU A 1044 9.04 5.86 -8.80
C GLU A 1044 7.74 5.27 -8.26
N SER A 1045 6.66 5.35 -9.03
CA SER A 1045 5.40 4.75 -8.60
C SER A 1045 5.49 3.22 -8.57
N GLU A 1046 6.22 2.62 -9.50
CA GLU A 1046 6.45 1.19 -9.48
C GLU A 1046 7.39 0.76 -8.36
N GLY A 1047 8.21 1.66 -7.84
CA GLY A 1047 9.19 1.29 -6.84
C GLY A 1047 8.69 1.12 -5.41
N ARG A 1048 7.40 1.33 -5.15
CA ARG A 1048 6.88 1.19 -3.79
C ARG A 1048 6.36 -0.21 -3.47
N SER A 1049 6.37 -1.13 -4.44
CA SER A 1049 5.80 -2.46 -4.26
C SER A 1049 6.67 -3.38 -3.40
N PRO A 1050 8.00 -3.42 -3.58
CA PRO A 1050 8.81 -4.31 -2.73
C PRO A 1050 8.69 -4.03 -1.25
N ILE A 1051 8.52 -2.77 -0.85
CA ILE A 1051 8.40 -2.45 0.57
C ILE A 1051 7.17 -3.14 1.16
N PHE A 1052 6.03 -3.00 0.48
CA PHE A 1052 4.80 -3.62 0.97
C PHE A 1052 4.87 -5.14 0.91
N THR A 1053 5.47 -5.69 -0.14
CA THR A 1053 5.61 -7.14 -0.23
C THR A 1053 6.44 -7.70 0.92
N HIS A 1054 7.57 -7.05 1.21
CA HIS A 1054 8.41 -7.52 2.32
C HIS A 1054 7.69 -7.34 3.66
N LEU A 1055 6.94 -6.26 3.82
CA LEU A 1055 6.20 -6.06 5.06
C LEU A 1055 5.18 -7.18 5.27
N VAL A 1056 4.43 -7.52 4.22
CA VAL A 1056 3.43 -8.58 4.33
C VAL A 1056 4.09 -9.93 4.63
N THR A 1057 5.15 -10.26 3.89
CA THR A 1057 5.75 -11.58 4.08
C THR A 1057 6.48 -11.69 5.41
N SER A 1058 6.99 -10.57 5.95
CA SER A 1058 7.63 -10.60 7.26
C SER A 1058 6.61 -10.65 8.38
N LEU A 1059 5.43 -10.08 8.19
CA LEU A 1059 4.39 -10.22 9.21
C LEU A 1059 3.74 -11.60 9.21
N LYS A 1060 3.65 -12.26 8.05
CA LYS A 1060 3.04 -13.59 8.04
C LYS A 1060 3.94 -14.67 8.61
N GLY A 1061 5.26 -14.45 8.65
CA GLY A 1061 6.17 -15.48 9.12
C GLY A 1061 6.99 -15.08 10.33
N LEU A 1062 6.36 -14.41 11.29
CA LEU A 1062 7.09 -13.87 12.44
C LEU A 1062 7.66 -14.97 13.32
N TRP A 1063 6.89 -16.04 13.56
CA TRP A 1063 7.31 -17.06 14.52
C TRP A 1063 8.49 -17.86 13.99
N THR A 1064 8.49 -18.19 12.70
CA THR A 1064 9.62 -18.90 12.11
C THR A 1064 10.88 -18.04 12.14
N LEU A 1065 10.75 -16.75 11.83
CA LEU A 1065 11.89 -15.85 11.87
C LEU A 1065 12.49 -15.78 13.27
N ARG A 1066 11.64 -15.61 14.29
CA ARG A 1066 12.17 -15.48 15.63
C ARG A 1066 12.68 -16.82 16.18
N ALA A 1067 12.15 -17.94 15.70
CA ALA A 1067 12.65 -19.23 16.15
C ALA A 1067 14.01 -19.55 15.52
N PHE A 1068 14.17 -19.26 14.24
CA PHE A 1068 15.45 -19.51 13.59
C PHE A 1068 16.50 -18.47 13.97
N GLY A 1069 16.08 -17.24 14.24
CA GLY A 1069 17.01 -16.16 14.56
C GLY A 1069 17.56 -15.48 13.33
N ARG A 1070 16.68 -15.09 12.41
CA ARG A 1070 17.08 -14.54 11.12
C ARG A 1070 16.69 -13.08 10.95
N GLN A 1071 16.53 -12.35 12.04
CA GLN A 1071 16.13 -10.95 12.00
C GLN A 1071 17.14 -10.06 11.24
N PRO A 1072 18.45 -10.18 11.48
CA PRO A 1072 19.39 -9.36 10.68
C PRO A 1072 19.29 -9.61 9.19
N TYR A 1073 19.01 -10.85 8.79
CA TYR A 1073 18.86 -11.17 7.37
C TYR A 1073 17.71 -10.39 6.76
N PHE A 1074 16.55 -10.36 7.43
CA PHE A 1074 15.42 -9.65 6.86
C PHE A 1074 15.57 -8.13 6.99
N GLU A 1075 16.31 -7.64 7.99
CA GLU A 1075 16.61 -6.22 8.03
C GLU A 1075 17.46 -5.82 6.82
N THR A 1076 18.45 -6.64 6.48
CA THR A 1076 19.25 -6.40 5.29
C THR A 1076 18.39 -6.47 4.03
N LEU A 1077 17.43 -7.39 4.00
CA LEU A 1077 16.53 -7.48 2.84
C LEU A 1077 15.68 -6.22 2.70
N PHE A 1078 15.19 -5.68 3.82
CA PHE A 1078 14.35 -4.48 3.79
C PHE A 1078 15.14 -3.26 3.35
N HIS A 1079 16.40 -3.16 3.78
CA HIS A 1079 17.20 -2.00 3.42
C HIS A 1079 17.42 -1.89 1.91
N LYS A 1080 17.50 -3.03 1.22
CA LYS A 1080 17.66 -3.01 -0.23
C LYS A 1080 16.45 -2.40 -0.92
N ALA A 1081 15.25 -2.77 -0.48
CA ALA A 1081 14.03 -2.19 -1.06
C ALA A 1081 13.95 -0.70 -0.79
N LEU A 1082 14.34 -0.29 0.43
CA LEU A 1082 14.38 1.15 0.73
C LEU A 1082 15.31 1.89 -0.23
N ASN A 1083 16.51 1.35 -0.45
CA ASN A 1083 17.46 2.00 -1.35
C ASN A 1083 16.93 2.04 -2.78
N LEU A 1084 16.28 0.96 -3.21
CA LEU A 1084 15.75 0.89 -4.56
C LEU A 1084 14.67 1.93 -4.80
N HIS A 1085 13.81 2.19 -3.82
CA HIS A 1085 12.88 3.30 -3.95
C HIS A 1085 13.60 4.65 -3.94
N THR A 1086 14.60 4.78 -3.06
CA THR A 1086 15.27 6.06 -2.86
C THR A 1086 15.94 6.55 -4.14
N ALA A 1087 16.56 5.64 -4.89
CA ALA A 1087 17.27 6.06 -6.11
C ALA A 1087 16.33 6.79 -7.07
N ASN A 1088 15.19 6.17 -7.40
CA ASN A 1088 14.25 6.78 -8.32
C ASN A 1088 13.65 8.06 -7.75
N TRP A 1089 13.30 8.05 -6.46
CA TRP A 1089 12.70 9.25 -5.88
C TRP A 1089 13.66 10.43 -5.92
N PHE A 1090 14.94 10.20 -5.57
CA PHE A 1090 15.94 11.25 -5.61
C PHE A 1090 16.15 11.78 -7.03
N LEU A 1091 16.20 10.89 -8.01
CA LEU A 1091 16.42 11.33 -9.38
C LEU A 1091 15.28 12.22 -9.88
N TYR A 1092 14.04 11.80 -9.62
CA TYR A 1092 12.89 12.61 -10.01
C TYR A 1092 12.90 13.96 -9.30
N LEU A 1093 13.23 13.95 -8.01
CA LEU A 1093 13.24 15.17 -7.22
C LEU A 1093 14.30 16.15 -7.74
N SER A 1094 15.42 15.63 -8.24
CA SER A 1094 16.45 16.51 -8.79
C SER A 1094 16.01 17.12 -10.12
N THR A 1095 15.46 16.31 -11.02
CA THR A 1095 15.07 16.86 -12.31
C THR A 1095 13.96 17.89 -12.19
N LEU A 1096 13.06 17.72 -11.21
CA LEU A 1096 12.02 18.74 -11.00
C LEU A 1096 12.62 20.10 -10.67
N ARG A 1097 13.61 20.12 -9.77
CA ARG A 1097 14.26 21.37 -9.41
C ARG A 1097 15.02 21.97 -10.58
N TRP A 1098 15.62 21.12 -11.41
CA TRP A 1098 16.24 21.61 -12.65
C TRP A 1098 15.23 22.38 -13.49
N PHE A 1099 14.05 21.79 -13.70
CA PHE A 1099 13.03 22.46 -14.50
C PHE A 1099 12.60 23.77 -13.86
N GLN A 1100 12.39 23.76 -12.53
CA GLN A 1100 11.92 24.97 -11.85
C GLN A 1100 12.91 26.12 -12.02
N MET A 1101 14.20 25.84 -11.81
CA MET A 1101 15.18 26.91 -11.95
C MET A 1101 15.32 27.36 -13.40
N ARG A 1102 15.20 26.46 -14.37
CA ARG A 1102 15.30 26.90 -15.76
C ARG A 1102 14.13 27.79 -16.16
N ILE A 1103 12.92 27.49 -15.70
CA ILE A 1103 11.78 28.34 -16.03
C ILE A 1103 11.94 29.70 -15.35
N GLU A 1104 12.46 29.72 -14.12
CA GLU A 1104 12.75 30.98 -13.45
C GLU A 1104 13.79 31.79 -14.22
N MET A 1105 14.84 31.13 -14.72
CA MET A 1105 15.88 31.81 -15.48
C MET A 1105 15.34 32.43 -16.76
N ILE A 1106 14.47 31.69 -17.46
CA ILE A 1106 13.86 32.22 -18.68
C ILE A 1106 13.08 33.50 -18.37
N PHE A 1107 12.26 33.46 -17.32
CA PHE A 1107 11.51 34.65 -16.93
C PHE A 1107 12.44 35.82 -16.62
N VAL A 1108 13.51 35.55 -15.86
CA VAL A 1108 14.40 36.62 -15.42
C VAL A 1108 15.13 37.25 -16.61
N ILE A 1109 15.60 36.43 -17.54
CA ILE A 1109 16.33 36.98 -18.69
C ILE A 1109 15.40 37.80 -19.58
N PHE A 1110 14.15 37.34 -19.76
CA PHE A 1110 13.22 38.14 -20.55
C PHE A 1110 12.94 39.48 -19.88
N PHE A 1111 12.72 39.48 -18.56
CA PHE A 1111 12.43 40.75 -17.88
C PHE A 1111 13.63 41.68 -17.93
N ILE A 1112 14.84 41.15 -17.75
CA ILE A 1112 16.05 41.96 -17.87
C ILE A 1112 16.17 42.54 -19.27
N ALA A 1113 15.81 41.78 -20.29
CA ALA A 1113 15.85 42.29 -21.66
C ALA A 1113 14.87 43.44 -21.85
N VAL A 1114 13.67 43.32 -21.30
CA VAL A 1114 12.68 44.37 -21.56
C VAL A 1114 12.97 45.63 -20.73
N THR A 1115 13.61 45.49 -19.57
CA THR A 1115 13.82 46.65 -18.70
C THR A 1115 14.69 47.70 -19.38
N PHE A 1116 15.82 47.28 -19.95
CA PHE A 1116 16.74 48.24 -20.57
C PHE A 1116 16.14 48.88 -21.82
N ILE A 1117 15.39 48.10 -22.61
CA ILE A 1117 14.74 48.68 -23.79
C ILE A 1117 13.72 49.73 -23.36
N SER A 1118 12.91 49.42 -22.34
CA SER A 1118 11.94 50.39 -21.86
C SER A 1118 12.62 51.66 -21.35
N ILE A 1119 13.72 51.51 -20.59
CA ILE A 1119 14.39 52.68 -20.05
C ILE A 1119 15.07 53.51 -21.15
N LEU A 1120 15.67 52.87 -22.15
CA LEU A 1120 16.38 53.59 -23.19
C LEU A 1120 15.40 54.30 -24.14
N THR A 1121 14.35 53.60 -24.56
CA THR A 1121 13.46 54.16 -25.59
C THR A 1121 12.61 55.32 -25.06
N THR A 1122 12.50 55.48 -23.74
CA THR A 1122 11.73 56.58 -23.16
C THR A 1122 12.43 57.90 -23.49
N GLY A 1123 11.87 58.63 -24.45
CA GLY A 1123 12.49 59.86 -24.92
C GLY A 1123 12.23 61.04 -24.00
N GLU A 1124 11.96 62.19 -24.61
CA GLU A 1124 11.69 63.41 -23.85
C GLU A 1124 10.25 63.45 -23.33
N GLY A 1125 9.56 62.32 -23.33
CA GLY A 1125 8.24 62.23 -22.75
C GLY A 1125 7.39 61.12 -23.34
N GLU A 1126 6.49 60.57 -22.54
CA GLU A 1126 5.50 59.59 -23.00
C GLU A 1126 6.21 58.36 -23.60
N GLY A 1127 6.86 57.61 -22.72
CA GLY A 1127 7.59 56.42 -23.13
C GLY A 1127 6.67 55.30 -23.54
N ARG A 1128 6.03 55.46 -24.70
CA ARG A 1128 4.98 54.55 -25.14
C ARG A 1128 5.49 53.12 -25.33
N VAL A 1129 6.75 52.96 -25.74
CA VAL A 1129 7.30 51.61 -25.92
C VAL A 1129 7.33 50.88 -24.58
N GLY A 1130 7.78 51.55 -23.52
CA GLY A 1130 7.92 50.91 -22.22
C GLY A 1130 6.63 50.66 -21.50
N ILE A 1131 5.51 51.15 -22.01
CA ILE A 1131 4.23 50.95 -21.34
C ILE A 1131 3.66 49.56 -21.64
N ILE A 1132 4.05 48.95 -22.75
CA ILE A 1132 3.45 47.71 -23.23
C ILE A 1132 4.20 46.49 -22.71
N LEU A 1133 5.53 46.48 -22.89
CA LEU A 1133 6.32 45.31 -22.50
C LEU A 1133 6.25 45.09 -20.99
N THR A 1134 6.33 46.17 -20.21
CA THR A 1134 6.26 46.05 -18.76
C THR A 1134 4.92 45.53 -18.28
N LEU A 1135 3.83 45.82 -18.98
CA LEU A 1135 2.54 45.25 -18.61
C LEU A 1135 2.44 43.79 -19.05
N ALA A 1136 3.05 43.44 -20.17
CA ALA A 1136 3.11 42.04 -20.56
C ALA A 1136 3.81 41.20 -19.51
N MET A 1137 4.89 41.74 -18.96
CA MET A 1137 5.66 41.04 -17.93
C MET A 1137 4.91 40.94 -16.59
N ASN A 1138 3.78 41.63 -16.42
CA ASN A 1138 2.94 41.45 -15.24
C ASN A 1138 1.91 40.35 -15.40
N ILE A 1139 1.77 39.77 -16.59
CA ILE A 1139 0.86 38.66 -16.84
C ILE A 1139 1.69 37.40 -16.96
N MET A 1140 2.90 37.54 -17.51
CA MET A 1140 3.80 36.40 -17.52
C MET A 1140 4.14 35.89 -16.12
N SER A 1141 4.05 36.75 -15.11
CA SER A 1141 4.35 36.32 -13.74
C SER A 1141 3.31 35.32 -13.23
N THR A 1142 2.04 35.49 -13.59
CA THR A 1142 1.03 34.51 -13.22
C THR A 1142 1.06 33.29 -14.11
N LEU A 1143 1.43 33.47 -15.39
CA LEU A 1143 1.61 32.30 -16.24
C LEU A 1143 2.71 31.39 -15.71
N GLN A 1144 3.73 31.96 -15.07
CA GLN A 1144 4.79 31.15 -14.49
C GLN A 1144 4.25 30.20 -13.42
N TRP A 1145 3.35 30.69 -12.57
CA TRP A 1145 2.72 29.84 -11.55
C TRP A 1145 1.81 28.80 -12.18
N ALA A 1146 1.06 29.19 -13.21
CA ALA A 1146 0.20 28.23 -13.90
C ALA A 1146 1.01 27.08 -14.49
N VAL A 1147 2.24 27.35 -14.94
CA VAL A 1147 3.06 26.29 -15.52
C VAL A 1147 3.37 25.21 -14.48
N ASN A 1148 3.79 25.62 -13.28
CA ASN A 1148 4.09 24.65 -12.24
C ASN A 1148 2.85 23.89 -11.78
N SER A 1149 1.71 24.59 -11.72
CA SER A 1149 0.47 23.89 -11.42
C SER A 1149 0.17 22.82 -12.47
N SER A 1150 0.40 23.14 -13.74
CA SER A 1150 0.24 22.14 -14.80
C SER A 1150 1.17 20.96 -14.57
N ILE A 1151 2.40 21.24 -14.12
CA ILE A 1151 3.37 20.17 -13.90
C ILE A 1151 2.88 19.20 -12.83
N ASP A 1152 2.40 19.71 -11.69
CA ASP A 1152 2.00 18.76 -10.66
C ASP A 1152 0.66 18.09 -10.97
N VAL A 1153 -0.22 18.72 -11.76
CA VAL A 1153 -1.40 18.00 -12.25
C VAL A 1153 -0.98 16.83 -13.13
N ASP A 1154 -0.02 17.06 -14.02
CA ASP A 1154 0.46 15.97 -14.87
C ASP A 1154 1.11 14.88 -14.05
N SER A 1155 1.80 15.24 -12.96
CA SER A 1155 2.38 14.21 -12.11
C SER A 1155 1.30 13.40 -11.41
N LEU A 1156 0.17 14.03 -11.06
CA LEU A 1156 -0.90 13.28 -10.39
C LEU A 1156 -1.72 12.42 -11.34
N MET A 1157 -1.71 12.70 -12.65
CA MET A 1157 -2.45 11.83 -13.58
C MET A 1157 -1.83 10.44 -13.77
N ARG A 1158 -0.61 10.19 -13.27
CA ARG A 1158 -0.05 8.85 -13.36
C ARG A 1158 -0.89 7.84 -12.58
N SER A 1159 -1.46 8.26 -11.45
CA SER A 1159 -2.34 7.38 -10.69
C SER A 1159 -3.59 7.04 -11.48
N VAL A 1160 -4.14 7.99 -12.23
CA VAL A 1160 -5.30 7.72 -13.06
C VAL A 1160 -4.95 6.69 -14.13
N SER A 1161 -3.79 6.85 -14.77
CA SER A 1161 -3.38 5.88 -15.78
C SER A 1161 -3.19 4.48 -15.18
N ARG A 1162 -2.57 4.41 -14.01
CA ARG A 1162 -2.38 3.12 -13.35
C ARG A 1162 -3.71 2.49 -12.95
N VAL A 1163 -4.68 3.28 -12.50
CA VAL A 1163 -6.00 2.75 -12.18
C VAL A 1163 -6.70 2.25 -13.43
N PHE A 1164 -6.57 2.98 -14.55
CA PHE A 1164 -7.20 2.56 -15.79
C PHE A 1164 -6.60 1.27 -16.33
N LYS A 1165 -5.32 1.00 -16.04
CA LYS A 1165 -4.74 -0.25 -16.52
C LYS A 1165 -5.39 -1.48 -15.91
N PHE A 1166 -5.87 -1.40 -14.67
CA PHE A 1166 -6.55 -2.57 -14.07
C PHE A 1166 -7.96 -2.76 -14.59
N ILE A 1167 -8.65 -1.69 -14.97
CA ILE A 1167 -10.00 -1.82 -15.51
C ILE A 1167 -9.99 -2.51 -16.86
N ASP A 1168 -8.84 -2.55 -17.55
CA ASP A 1168 -8.71 -3.15 -18.86
C ASP A 1168 -8.14 -4.56 -18.82
N MET A 1169 -8.33 -5.30 -17.72
CA MET A 1169 -7.94 -6.69 -17.69
C MET A 1169 -8.86 -7.53 -18.58
N PRO A 1170 -8.40 -8.69 -19.03
CA PRO A 1170 -9.28 -9.62 -19.74
C PRO A 1170 -10.31 -10.22 -18.80
N THR A 1171 -11.28 -10.92 -19.39
CA THR A 1171 -12.38 -11.52 -18.66
C THR A 1171 -12.42 -13.02 -18.94
N GLU A 1172 -12.62 -13.81 -17.88
CA GLU A 1172 -12.58 -15.26 -18.03
C GLU A 1172 -13.74 -15.78 -18.88
N GLY A 1173 -14.88 -15.10 -18.85
CA GLY A 1173 -16.04 -15.52 -19.62
C GLY A 1173 -15.81 -15.54 -21.11
N ILE A 1203 -36.18 -28.84 -13.61
CA ILE A 1203 -34.89 -28.45 -13.03
C ILE A 1203 -33.75 -29.08 -13.84
N TRP A 1204 -32.63 -28.37 -13.92
CA TRP A 1204 -31.48 -28.89 -14.66
C TRP A 1204 -30.73 -29.93 -13.83
N PRO A 1205 -30.24 -29.61 -12.62
CA PRO A 1205 -29.46 -30.65 -11.91
C PRO A 1205 -30.37 -31.68 -11.25
N SER A 1206 -30.97 -32.53 -12.09
CA SER A 1206 -31.95 -33.48 -11.59
C SER A 1206 -31.27 -34.72 -10.99
N GLY A 1207 -30.50 -35.44 -11.79
CA GLY A 1207 -29.86 -36.64 -11.32
C GLY A 1207 -28.43 -36.43 -10.83
N GLY A 1208 -27.65 -35.68 -11.58
CA GLY A 1208 -26.24 -35.51 -11.29
C GLY A 1208 -25.31 -36.35 -12.14
N GLN A 1209 -25.82 -37.06 -13.13
CA GLN A 1209 -24.99 -37.87 -13.99
C GLN A 1209 -23.98 -37.00 -14.74
N MET A 1210 -22.74 -37.47 -14.82
CA MET A 1210 -21.64 -36.71 -15.40
C MET A 1210 -20.98 -37.51 -16.50
N THR A 1211 -20.49 -36.82 -17.53
CA THR A 1211 -19.75 -37.47 -18.61
C THR A 1211 -18.62 -36.56 -19.06
N VAL A 1212 -17.39 -37.07 -19.00
CA VAL A 1212 -16.19 -36.32 -19.36
C VAL A 1212 -15.58 -36.94 -20.60
N LYS A 1213 -15.22 -36.11 -21.58
CA LYS A 1213 -14.67 -36.59 -22.84
C LYS A 1213 -13.47 -35.72 -23.25
N ASP A 1214 -12.32 -36.37 -23.40
CA ASP A 1214 -11.10 -35.77 -23.93
C ASP A 1214 -10.71 -34.51 -23.18
N LEU A 1215 -10.86 -34.53 -21.86
CA LEU A 1215 -10.48 -33.38 -21.06
C LEU A 1215 -8.96 -33.30 -20.98
N THR A 1216 -8.43 -32.09 -21.22
CA THR A 1216 -7.01 -31.81 -21.11
C THR A 1216 -6.85 -30.49 -20.40
N ALA A 1217 -6.03 -30.46 -19.36
CA ALA A 1217 -5.93 -29.29 -18.48
C ALA A 1217 -4.48 -28.82 -18.42
N LYS A 1218 -4.31 -27.50 -18.41
CA LYS A 1218 -2.98 -26.91 -18.26
C LYS A 1218 -3.12 -25.53 -17.65
N TYR A 1219 -2.13 -25.14 -16.85
CA TYR A 1219 -2.24 -23.90 -16.08
C TYR A 1219 -1.89 -22.69 -16.93
N THR A 1220 -0.74 -22.73 -17.60
CA THR A 1220 -0.28 -21.64 -18.45
C THR A 1220 -0.51 -21.99 -19.91
N GLU A 1221 -0.85 -20.98 -20.70
CA GLU A 1221 -0.86 -21.12 -22.14
C GLU A 1221 0.54 -21.46 -22.62
N GLY A 1222 0.64 -22.46 -23.50
CA GLY A 1222 1.94 -22.90 -23.96
C GLY A 1222 2.79 -23.51 -22.87
N GLY A 1223 2.23 -24.48 -22.15
CA GLY A 1223 2.96 -25.18 -21.11
C GLY A 1223 2.59 -26.65 -21.10
N ASN A 1224 3.29 -27.41 -20.26
CA ASN A 1224 3.01 -28.83 -20.15
C ASN A 1224 1.60 -29.05 -19.62
N ALA A 1225 0.98 -30.14 -20.07
CA ALA A 1225 -0.40 -30.46 -19.69
C ALA A 1225 -0.35 -31.43 -18.52
N ILE A 1226 -0.83 -30.98 -17.36
CA ILE A 1226 -0.87 -31.83 -16.18
C ILE A 1226 -1.76 -33.04 -16.42
N LEU A 1227 -2.85 -32.84 -17.15
CA LEU A 1227 -3.82 -33.89 -17.42
C LEU A 1227 -4.08 -33.93 -18.92
N GLU A 1228 -4.02 -35.12 -19.51
CA GLU A 1228 -4.11 -35.27 -20.96
C GLU A 1228 -5.07 -36.40 -21.30
N ASN A 1229 -6.15 -36.07 -22.02
CA ASN A 1229 -7.07 -37.03 -22.63
C ASN A 1229 -7.69 -37.96 -21.57
N ILE A 1230 -8.52 -37.34 -20.73
CA ILE A 1230 -9.23 -38.04 -19.66
C ILE A 1230 -10.68 -38.24 -20.09
N SER A 1231 -11.18 -39.47 -19.93
CA SER A 1231 -12.57 -39.77 -20.29
C SER A 1231 -13.10 -40.81 -19.32
N PHE A 1232 -14.17 -40.47 -18.61
CA PHE A 1232 -14.84 -41.41 -17.72
C PHE A 1232 -16.26 -40.92 -17.49
N SER A 1233 -17.09 -41.79 -16.90
CA SER A 1233 -18.48 -41.47 -16.66
C SER A 1233 -18.86 -41.92 -15.25
N ILE A 1234 -19.90 -41.29 -14.71
CA ILE A 1234 -20.42 -41.56 -13.37
C ILE A 1234 -21.92 -41.77 -13.48
N SER A 1235 -22.54 -42.14 -12.37
CA SER A 1235 -23.98 -42.36 -12.32
C SER A 1235 -24.57 -41.60 -11.14
N PRO A 1236 -25.84 -41.21 -11.21
CA PRO A 1236 -26.43 -40.40 -10.13
C PRO A 1236 -26.41 -41.13 -8.80
N GLY A 1237 -26.17 -40.37 -7.74
CA GLY A 1237 -26.18 -40.88 -6.38
C GLY A 1237 -25.10 -41.91 -6.10
N GLN A 1238 -23.87 -41.63 -6.52
CA GLN A 1238 -22.78 -42.59 -6.42
C GLN A 1238 -21.56 -41.92 -5.81
N ARG A 1239 -20.82 -42.68 -4.99
CA ARG A 1239 -19.62 -42.15 -4.34
C ARG A 1239 -18.37 -42.59 -5.11
N VAL A 1240 -17.50 -41.62 -5.37
CA VAL A 1240 -16.28 -41.80 -6.15
C VAL A 1240 -15.11 -41.39 -5.29
N GLY A 1241 -14.10 -42.24 -5.23
CA GLY A 1241 -12.88 -41.92 -4.51
C GLY A 1241 -11.74 -41.59 -5.43
N LEU A 1242 -11.30 -40.33 -5.41
CA LEU A 1242 -10.19 -39.87 -6.23
C LEU A 1242 -8.90 -39.92 -5.41
N LEU A 1243 -7.84 -40.47 -6.00
CA LEU A 1243 -6.61 -40.63 -5.24
C LEU A 1243 -5.41 -40.72 -6.17
N GLY A 1244 -4.24 -40.53 -5.56
CA GLY A 1244 -2.98 -40.54 -6.28
C GLY A 1244 -1.85 -40.13 -5.35
N ARG A 1245 -0.67 -39.95 -5.91
CA ARG A 1245 0.46 -39.50 -5.11
C ARG A 1245 0.38 -37.98 -4.90
N THR A 1246 1.20 -37.48 -3.98
CA THR A 1246 1.34 -36.05 -3.78
C THR A 1246 1.86 -35.39 -5.03
N GLY A 1247 1.20 -34.32 -5.46
CA GLY A 1247 1.60 -33.64 -6.68
C GLY A 1247 1.22 -34.34 -7.96
N SER A 1248 0.10 -35.06 -7.97
CA SER A 1248 -0.34 -35.79 -9.16
C SER A 1248 -1.38 -35.05 -9.98
N GLY A 1249 -2.25 -34.27 -9.36
CA GLY A 1249 -3.26 -33.56 -10.11
C GLY A 1249 -4.69 -33.80 -9.66
N LYS A 1250 -4.86 -34.18 -8.35
CA LYS A 1250 -6.20 -34.30 -7.79
C LYS A 1250 -6.87 -32.94 -7.68
N SER A 1251 -6.18 -31.95 -7.12
CA SER A 1251 -6.73 -30.61 -7.06
C SER A 1251 -6.88 -30.02 -8.44
N THR A 1252 -5.97 -30.36 -9.37
CA THR A 1252 -6.08 -29.89 -10.75
C THR A 1252 -7.34 -30.43 -11.43
N LEU A 1253 -7.70 -31.67 -11.24
CA LEU A 1253 -8.94 -32.21 -11.79
C LEU A 1253 -10.16 -31.52 -11.16
N LEU A 1254 -10.19 -31.42 -9.84
CA LEU A 1254 -11.33 -30.81 -9.17
C LEU A 1254 -11.50 -29.34 -9.54
N SER A 1255 -10.44 -28.68 -10.02
CA SER A 1255 -10.57 -27.33 -10.51
C SER A 1255 -10.89 -27.26 -12.00
N ALA A 1256 -10.53 -28.30 -12.76
CA ALA A 1256 -10.93 -28.38 -14.16
C ALA A 1256 -12.40 -28.69 -14.30
N PHE A 1257 -13.04 -29.26 -13.27
CA PHE A 1257 -14.50 -29.35 -13.28
C PHE A 1257 -15.15 -27.98 -13.33
N LEU A 1258 -14.60 -27.00 -12.61
CA LEU A 1258 -15.18 -25.68 -12.55
C LEU A 1258 -14.56 -24.70 -13.53
N ARG A 1259 -13.75 -25.17 -14.47
CA ARG A 1259 -13.08 -24.34 -15.47
C ARG A 1259 -12.36 -23.16 -14.83
N LEU A 1260 -11.58 -23.46 -13.80
CA LEU A 1260 -10.76 -22.43 -13.17
C LEU A 1260 -9.44 -22.21 -13.90
N LEU A 1261 -9.09 -23.09 -14.83
CA LEU A 1261 -7.85 -23.02 -15.58
C LEU A 1261 -8.11 -23.33 -17.05
N ASN A 1262 -7.03 -23.31 -17.84
CA ASN A 1262 -7.14 -23.55 -19.28
C ASN A 1262 -7.40 -25.03 -19.55
N THR A 1263 -8.43 -25.31 -20.34
CA THR A 1263 -8.87 -26.68 -20.53
C THR A 1263 -9.50 -26.85 -21.91
N GLU A 1264 -9.40 -28.07 -22.43
CA GLU A 1264 -10.05 -28.48 -23.67
C GLU A 1264 -10.76 -29.81 -23.43
N GLY A 1265 -11.68 -30.13 -24.33
CA GLY A 1265 -12.57 -31.27 -24.14
C GLY A 1265 -13.92 -30.80 -23.64
N GLU A 1266 -14.75 -31.76 -23.24
CA GLU A 1266 -16.07 -31.40 -22.77
C GLU A 1266 -16.48 -32.23 -21.56
N ILE A 1267 -17.39 -31.65 -20.77
CA ILE A 1267 -18.10 -32.34 -19.70
C ILE A 1267 -19.57 -31.98 -19.83
N GLN A 1268 -20.44 -32.99 -19.69
CA GLN A 1268 -21.88 -32.73 -19.68
C GLN A 1268 -22.49 -33.31 -18.42
N ILE A 1269 -23.42 -32.57 -17.84
CA ILE A 1269 -24.18 -32.99 -16.67
C ILE A 1269 -25.64 -33.11 -17.10
N ASP A 1270 -26.15 -34.34 -17.09
CA ASP A 1270 -27.51 -34.63 -17.54
C ASP A 1270 -27.75 -34.09 -18.96
N GLY A 1271 -26.76 -34.27 -19.83
CA GLY A 1271 -26.87 -33.91 -21.22
C GLY A 1271 -26.55 -32.47 -21.55
N VAL A 1272 -26.41 -31.59 -20.56
CA VAL A 1272 -26.13 -30.17 -20.81
C VAL A 1272 -24.61 -29.99 -20.81
N SER A 1273 -24.09 -29.38 -21.87
CA SER A 1273 -22.66 -29.23 -22.04
C SER A 1273 -22.18 -27.88 -21.51
N TRP A 1274 -20.85 -27.74 -21.40
CA TRP A 1274 -20.24 -26.48 -21.05
C TRP A 1274 -20.81 -25.32 -21.86
N ASP A 1275 -20.62 -25.37 -23.18
CA ASP A 1275 -20.87 -24.23 -24.04
C ASP A 1275 -22.36 -23.91 -24.20
N SER A 1276 -23.24 -24.79 -23.72
CA SER A 1276 -24.67 -24.50 -23.81
C SER A 1276 -25.09 -23.36 -22.88
N ILE A 1277 -24.44 -23.24 -21.72
CA ILE A 1277 -24.88 -22.30 -20.69
C ILE A 1277 -23.73 -21.37 -20.33
N THR A 1278 -24.05 -20.36 -19.51
CA THR A 1278 -23.07 -19.42 -19.02
C THR A 1278 -22.28 -20.01 -17.86
N LEU A 1279 -21.20 -19.33 -17.49
CA LEU A 1279 -20.26 -19.87 -16.50
C LEU A 1279 -20.83 -19.81 -15.09
N GLN A 1280 -21.46 -18.70 -14.73
CA GLN A 1280 -21.98 -18.53 -13.37
C GLN A 1280 -23.12 -19.51 -13.08
N GLN A 1281 -23.86 -19.92 -14.10
CA GLN A 1281 -24.87 -20.96 -13.93
C GLN A 1281 -24.27 -22.35 -13.85
N TRP A 1282 -23.17 -22.58 -14.57
CA TRP A 1282 -22.50 -23.88 -14.49
C TRP A 1282 -21.83 -24.07 -13.13
N ARG A 1283 -21.40 -22.98 -12.49
CA ARG A 1283 -20.72 -23.11 -11.21
C ARG A 1283 -21.67 -23.29 -10.03
N LYS A 1284 -22.98 -23.12 -10.23
CA LYS A 1284 -23.97 -23.34 -9.18
C LYS A 1284 -24.48 -24.76 -9.09
N ALA A 1285 -23.96 -25.67 -9.90
CA ALA A 1285 -24.30 -27.08 -9.77
C ALA A 1285 -23.41 -27.81 -8.79
N PHE A 1286 -22.43 -27.12 -8.20
CA PHE A 1286 -21.40 -27.76 -7.39
C PHE A 1286 -21.39 -27.19 -5.97
N GLY A 1287 -21.14 -28.08 -5.01
CA GLY A 1287 -20.83 -27.69 -3.66
C GLY A 1287 -19.42 -28.14 -3.31
N VAL A 1288 -18.56 -27.21 -2.93
CA VAL A 1288 -17.12 -27.47 -2.89
C VAL A 1288 -16.60 -27.29 -1.47
N ILE A 1289 -15.67 -28.18 -1.10
CA ILE A 1289 -14.83 -28.01 0.09
C ILE A 1289 -13.39 -27.91 -0.38
N PRO A 1290 -12.70 -26.73 -0.29
CA PRO A 1290 -11.36 -26.56 -0.88
C PRO A 1290 -10.26 -27.07 0.05
N GLN A 1291 -9.03 -27.05 -0.47
CA GLN A 1291 -7.87 -27.44 0.33
C GLN A 1291 -7.39 -26.32 1.25
N LYS A 1292 -7.56 -25.05 0.88
CA LYS A 1292 -7.16 -23.93 1.71
C LYS A 1292 -8.40 -23.25 2.25
N VAL A 1293 -8.57 -23.24 3.62
CA VAL A 1293 -9.75 -22.66 4.26
C VAL A 1293 -9.66 -21.14 4.22
N PHE A 1294 -10.72 -20.50 3.76
CA PHE A 1294 -10.78 -19.05 3.62
C PHE A 1294 -11.68 -18.48 4.71
N ILE A 1295 -11.11 -17.68 5.60
CA ILE A 1295 -11.84 -17.05 6.69
C ILE A 1295 -11.45 -15.59 6.73
N PHE A 1296 -12.43 -14.69 6.54
CA PHE A 1296 -12.17 -13.26 6.52
C PHE A 1296 -12.59 -12.64 7.84
N SER A 1297 -12.40 -11.32 7.94
CA SER A 1297 -12.75 -10.59 9.16
C SER A 1297 -14.25 -10.34 9.19
N GLY A 1298 -14.90 -10.80 10.26
CA GLY A 1298 -16.34 -10.68 10.37
C GLY A 1298 -16.85 -11.58 11.47
N THR A 1299 -18.17 -11.62 11.58
CA THR A 1299 -18.80 -12.45 12.59
C THR A 1299 -18.82 -13.91 12.15
N PHE A 1300 -19.13 -14.80 13.10
CA PHE A 1300 -19.35 -16.20 12.77
C PHE A 1300 -20.46 -16.36 11.75
N ARG A 1301 -21.58 -15.68 11.99
CA ARG A 1301 -22.74 -15.80 11.11
C ARG A 1301 -22.41 -15.32 9.70
N LYS A 1302 -21.75 -14.17 9.58
CA LYS A 1302 -21.36 -13.68 8.26
C LYS A 1302 -20.37 -14.63 7.59
N ASN A 1303 -19.41 -15.16 8.36
CA ASN A 1303 -18.47 -16.12 7.81
C ASN A 1303 -19.16 -17.40 7.36
N LEU A 1304 -20.37 -17.67 7.84
CA LEU A 1304 -21.12 -18.82 7.34
C LEU A 1304 -21.96 -18.48 6.12
N ASP A 1305 -22.64 -17.33 6.12
CA ASP A 1305 -23.32 -16.88 4.90
C ASP A 1305 -23.21 -15.37 4.71
N PRO A 1306 -22.51 -14.93 3.66
CA PRO A 1306 -22.42 -13.48 3.40
C PRO A 1306 -23.68 -12.92 2.78
N TYR A 1307 -24.43 -13.77 2.07
CA TYR A 1307 -25.68 -13.34 1.44
C TYR A 1307 -26.83 -13.23 2.43
N GLU A 1308 -26.70 -13.81 3.62
CA GLU A 1308 -27.73 -13.75 4.66
C GLU A 1308 -29.05 -14.33 4.16
N GLN A 1309 -29.01 -15.60 3.77
CA GLN A 1309 -30.17 -16.29 3.24
C GLN A 1309 -30.91 -17.12 4.28
N TRP A 1310 -30.24 -17.51 5.36
CA TRP A 1310 -30.81 -18.41 6.35
C TRP A 1310 -30.86 -17.74 7.71
N SER A 1311 -31.96 -17.95 8.43
CA SER A 1311 -32.10 -17.41 9.78
C SER A 1311 -31.24 -18.20 10.76
N ASP A 1312 -31.16 -17.69 11.99
CA ASP A 1312 -30.34 -18.35 13.00
C ASP A 1312 -30.88 -19.71 13.38
N GLN A 1313 -32.16 -19.98 13.12
CA GLN A 1313 -32.72 -21.31 13.33
C GLN A 1313 -31.88 -22.37 12.62
N GLU A 1314 -31.78 -22.29 11.30
CA GLU A 1314 -31.05 -23.29 10.53
C GLU A 1314 -29.55 -23.24 10.78
N ILE A 1315 -29.01 -22.04 11.01
CA ILE A 1315 -27.57 -21.93 11.29
C ILE A 1315 -27.21 -22.68 12.56
N TRP A 1316 -27.99 -22.49 13.63
CA TRP A 1316 -27.75 -23.26 14.84
C TRP A 1316 -28.06 -24.73 14.63
N LYS A 1317 -29.08 -25.06 13.82
CA LYS A 1317 -29.42 -26.46 13.60
C LYS A 1317 -28.30 -27.20 12.88
N VAL A 1318 -27.55 -26.51 12.03
CA VAL A 1318 -26.43 -27.11 11.32
C VAL A 1318 -25.17 -27.13 12.19
N ALA A 1319 -24.96 -26.07 12.97
CA ALA A 1319 -23.84 -26.06 13.91
C ALA A 1319 -24.01 -27.15 14.97
N ASP A 1320 -25.25 -27.56 15.25
CA ASP A 1320 -25.47 -28.70 16.13
C ASP A 1320 -24.89 -29.97 15.52
N GLU A 1321 -24.90 -30.07 14.19
CA GLU A 1321 -24.60 -31.35 13.54
C GLU A 1321 -23.13 -31.43 13.16
N VAL A 1322 -22.54 -30.33 12.69
CA VAL A 1322 -21.11 -30.34 12.37
C VAL A 1322 -20.24 -30.31 13.60
N GLY A 1323 -20.81 -30.10 14.79
CA GLY A 1323 -20.05 -30.19 16.02
C GLY A 1323 -19.49 -28.88 16.55
N LEU A 1324 -20.05 -27.75 16.16
CA LEU A 1324 -19.48 -26.45 16.49
C LEU A 1324 -20.16 -25.78 17.69
N ARG A 1325 -21.11 -26.42 18.36
CA ARG A 1325 -21.78 -25.75 19.48
C ARG A 1325 -20.81 -25.37 20.58
N SER A 1326 -20.02 -26.35 21.06
CA SER A 1326 -19.14 -26.08 22.18
C SER A 1326 -18.02 -25.12 21.81
N VAL A 1327 -17.60 -25.14 20.54
CA VAL A 1327 -16.57 -24.20 20.08
C VAL A 1327 -17.13 -22.78 20.01
N ILE A 1328 -18.32 -22.62 19.43
CA ILE A 1328 -18.90 -21.29 19.26
C ILE A 1328 -19.31 -20.68 20.60
N GLU A 1329 -19.91 -21.49 21.47
CA GLU A 1329 -20.33 -21.02 22.78
C GLU A 1329 -19.17 -20.61 23.66
N GLN A 1330 -17.94 -20.87 23.24
CA GLN A 1330 -16.77 -20.52 24.03
C GLN A 1330 -16.46 -19.03 24.01
N PHE A 1331 -16.98 -18.29 23.03
CA PHE A 1331 -16.66 -16.88 22.87
C PHE A 1331 -17.84 -16.01 23.31
N PRO A 1332 -17.56 -14.78 23.79
CA PRO A 1332 -18.63 -14.00 24.45
C PRO A 1332 -19.84 -13.74 23.57
N GLY A 1333 -19.65 -13.28 22.34
CA GLY A 1333 -20.78 -13.09 21.46
C GLY A 1333 -21.13 -14.36 20.72
N LYS A 1334 -22.10 -15.10 21.21
CA LYS A 1334 -22.45 -16.39 20.61
C LYS A 1334 -22.98 -16.18 19.20
N LEU A 1335 -22.15 -16.52 18.21
CA LEU A 1335 -22.48 -16.37 16.80
C LEU A 1335 -22.57 -14.89 16.42
N ASP A 1336 -22.04 -14.04 17.30
CA ASP A 1336 -21.92 -12.61 17.04
C ASP A 1336 -20.49 -12.16 17.25
N PHE A 1337 -19.62 -13.08 17.66
CA PHE A 1337 -18.23 -12.77 17.90
C PHE A 1337 -17.51 -12.44 16.59
N VAL A 1338 -16.57 -11.51 16.67
CA VAL A 1338 -15.85 -11.02 15.50
C VAL A 1338 -14.49 -11.72 15.44
N LEU A 1339 -14.21 -12.37 14.31
CA LEU A 1339 -12.97 -13.11 14.11
C LEU A 1339 -11.94 -12.23 13.42
N VAL A 1340 -10.75 -12.14 14.00
CA VAL A 1340 -9.68 -11.30 13.48
C VAL A 1340 -8.49 -12.18 13.10
N ASP A 1341 -7.56 -11.59 12.35
CA ASP A 1341 -6.31 -12.22 11.92
C ASP A 1341 -6.53 -13.49 11.11
N GLY A 1342 -7.74 -13.69 10.58
CA GLY A 1342 -8.02 -14.86 9.79
C GLY A 1342 -8.35 -16.11 10.58
N GLY A 1343 -8.96 -15.96 11.75
CA GLY A 1343 -9.33 -17.11 12.54
C GLY A 1343 -8.25 -17.63 13.48
N CYS A 1344 -7.37 -16.76 13.97
CA CYS A 1344 -6.31 -17.20 14.87
C CYS A 1344 -6.85 -17.71 16.19
N VAL A 1345 -8.12 -17.45 16.50
CA VAL A 1345 -8.72 -17.92 17.74
C VAL A 1345 -9.09 -19.40 17.66
N LEU A 1346 -9.19 -19.96 16.46
CA LEU A 1346 -9.61 -21.34 16.27
C LEU A 1346 -8.41 -22.26 16.08
N SER A 1347 -8.67 -23.55 16.21
CA SER A 1347 -7.66 -24.58 15.98
C SER A 1347 -7.59 -24.89 14.49
N HIS A 1348 -6.88 -25.95 14.12
CA HIS A 1348 -6.81 -26.32 12.71
C HIS A 1348 -8.03 -27.13 12.27
N GLY A 1349 -8.65 -27.88 13.18
CA GLY A 1349 -9.82 -28.66 12.81
C GLY A 1349 -11.11 -27.87 12.82
N HIS A 1350 -11.18 -26.80 13.62
CA HIS A 1350 -12.40 -26.00 13.65
C HIS A 1350 -12.65 -25.32 12.30
N LYS A 1351 -11.60 -24.93 11.60
CA LYS A 1351 -11.77 -24.33 10.28
C LYS A 1351 -12.25 -25.35 9.26
N GLN A 1352 -11.77 -26.60 9.36
CA GLN A 1352 -12.30 -27.66 8.52
C GLN A 1352 -13.79 -27.89 8.80
N LEU A 1353 -14.17 -27.84 10.07
CA LEU A 1353 -15.57 -27.99 10.42
C LEU A 1353 -16.41 -26.83 9.89
N MET A 1354 -15.88 -25.61 9.90
CA MET A 1354 -16.63 -24.49 9.32
C MET A 1354 -16.78 -24.65 7.82
N CYS A 1355 -15.75 -25.15 7.13
CA CYS A 1355 -15.89 -25.44 5.71
C CYS A 1355 -16.96 -26.51 5.46
N LEU A 1356 -17.00 -27.55 6.30
CA LEU A 1356 -18.02 -28.56 6.17
C LEU A 1356 -19.41 -27.97 6.38
N ALA A 1357 -19.55 -27.08 7.36
CA ALA A 1357 -20.84 -26.42 7.59
C ALA A 1357 -21.24 -25.58 6.39
N ARG A 1358 -20.29 -24.84 5.81
CA ARG A 1358 -20.58 -24.06 4.60
C ARG A 1358 -21.09 -24.96 3.49
N SER A 1359 -20.43 -26.10 3.27
CA SER A 1359 -20.88 -27.01 2.22
C SER A 1359 -22.26 -27.58 2.51
N VAL A 1360 -22.57 -27.87 3.77
CA VAL A 1360 -23.87 -28.42 4.13
C VAL A 1360 -24.97 -27.38 3.91
N LEU A 1361 -24.70 -26.11 4.23
CA LEU A 1361 -25.75 -25.09 4.20
C LEU A 1361 -26.32 -24.92 2.79
N SER A 1362 -25.45 -24.89 1.78
CA SER A 1362 -25.89 -24.76 0.40
C SER A 1362 -26.19 -26.15 -0.14
N LYS A 1363 -27.48 -26.45 -0.32
CA LYS A 1363 -27.91 -27.77 -0.75
C LYS A 1363 -27.65 -27.92 -2.25
N ALA A 1364 -26.65 -28.71 -2.60
CA ALA A 1364 -26.29 -28.97 -3.99
C ALA A 1364 -26.43 -30.46 -4.29
N LYS A 1365 -26.30 -30.81 -5.56
CA LYS A 1365 -26.39 -32.19 -6.01
C LYS A 1365 -25.03 -32.84 -6.21
N ILE A 1366 -24.08 -32.12 -6.79
CA ILE A 1366 -22.74 -32.64 -7.06
C ILE A 1366 -21.77 -31.97 -6.10
N LEU A 1367 -21.04 -32.78 -5.34
CA LEU A 1367 -20.17 -32.31 -4.27
C LEU A 1367 -18.72 -32.67 -4.60
N LEU A 1368 -17.83 -31.70 -4.46
CA LEU A 1368 -16.40 -31.90 -4.67
C LEU A 1368 -15.68 -31.61 -3.35
N LEU A 1369 -15.18 -32.66 -2.70
CA LEU A 1369 -14.61 -32.56 -1.36
C LEU A 1369 -13.12 -32.82 -1.45
N ASP A 1370 -12.30 -31.78 -1.31
CA ASP A 1370 -10.86 -31.86 -1.50
C ASP A 1370 -10.21 -32.01 -0.13
N GLN A 1371 -9.92 -33.26 0.25
CA GLN A 1371 -9.32 -33.64 1.53
C GLN A 1371 -9.99 -32.92 2.69
N PRO A 1372 -11.23 -33.29 3.03
CA PRO A 1372 -11.90 -32.59 4.14
C PRO A 1372 -11.27 -32.85 5.49
N SER A 1373 -10.89 -34.09 5.78
CA SER A 1373 -10.36 -34.46 7.08
C SER A 1373 -8.83 -34.51 7.03
N ALA A 1374 -8.23 -33.33 6.91
CA ALA A 1374 -6.79 -33.24 6.71
C ALA A 1374 -6.03 -33.66 7.96
N HIS A 1375 -6.22 -32.92 9.05
CA HIS A 1375 -5.46 -33.16 10.29
C HIS A 1375 -6.32 -33.75 11.40
N LEU A 1376 -7.55 -34.15 11.10
CA LEU A 1376 -8.45 -34.63 12.13
C LEU A 1376 -7.98 -35.98 12.69
N ASP A 1377 -8.21 -36.18 13.97
CA ASP A 1377 -7.90 -37.44 14.64
C ASP A 1377 -8.99 -38.46 14.30
N PRO A 1378 -8.74 -39.75 14.60
CA PRO A 1378 -9.77 -40.76 14.28
C PRO A 1378 -11.11 -40.51 14.95
N VAL A 1379 -11.13 -39.86 16.11
CA VAL A 1379 -12.40 -39.61 16.80
C VAL A 1379 -13.24 -38.60 16.06
N THR A 1380 -12.62 -37.56 15.49
CA THR A 1380 -13.38 -36.48 14.86
C THR A 1380 -13.69 -36.75 13.39
N TYR A 1381 -13.12 -37.79 12.79
CA TYR A 1381 -13.50 -38.14 11.42
C TYR A 1381 -14.88 -38.78 11.38
N GLN A 1382 -15.38 -39.22 12.53
CA GLN A 1382 -16.73 -39.74 12.62
C GLN A 1382 -17.77 -38.68 12.25
N ILE A 1383 -17.51 -37.42 12.60
CA ILE A 1383 -18.42 -36.35 12.21
C ILE A 1383 -18.50 -36.24 10.70
N ILE A 1384 -17.34 -36.30 10.03
CA ILE A 1384 -17.31 -36.22 8.58
C ILE A 1384 -18.08 -37.36 7.97
N ARG A 1385 -17.86 -38.59 8.46
CA ARG A 1385 -18.54 -39.71 7.81
C ARG A 1385 -20.04 -39.73 8.11
N ARG A 1386 -20.46 -39.31 9.30
CA ARG A 1386 -21.89 -39.18 9.57
C ARG A 1386 -22.53 -38.14 8.67
N THR A 1387 -21.83 -37.03 8.43
CA THR A 1387 -22.36 -36.02 7.51
C THR A 1387 -22.50 -36.59 6.10
N LEU A 1388 -21.46 -37.27 5.61
CA LEU A 1388 -21.55 -37.91 4.30
C LEU A 1388 -22.61 -39.00 4.24
N LYS A 1389 -23.02 -39.55 5.38
CA LYS A 1389 -24.05 -40.58 5.41
C LYS A 1389 -25.46 -40.02 5.46
N GLN A 1390 -25.70 -38.94 6.22
CA GLN A 1390 -27.04 -38.46 6.48
C GLN A 1390 -27.39 -37.21 5.68
N ALA A 1391 -26.50 -36.21 5.66
CA ALA A 1391 -26.82 -34.94 5.01
C ALA A 1391 -26.75 -35.06 3.49
N PHE A 1392 -25.84 -35.88 2.98
CA PHE A 1392 -25.69 -36.14 1.55
C PHE A 1392 -26.22 -37.55 1.27
N ALA A 1393 -27.52 -37.63 0.98
CA ALA A 1393 -28.09 -38.94 0.66
C ALA A 1393 -28.27 -39.12 -0.85
N ASP A 1394 -29.01 -38.23 -1.50
CA ASP A 1394 -29.15 -38.26 -2.94
C ASP A 1394 -28.22 -37.22 -3.57
N CYS A 1395 -26.92 -37.39 -3.38
CA CYS A 1395 -25.93 -36.45 -3.90
C CYS A 1395 -24.78 -37.22 -4.51
N THR A 1396 -24.31 -36.76 -5.67
CA THR A 1396 -23.14 -37.35 -6.31
C THR A 1396 -21.88 -36.74 -5.68
N VAL A 1397 -21.16 -37.54 -4.91
CA VAL A 1397 -20.01 -37.08 -4.14
C VAL A 1397 -18.73 -37.51 -4.83
N ILE A 1398 -17.74 -36.62 -4.87
CA ILE A 1398 -16.40 -36.93 -5.34
C ILE A 1398 -15.43 -36.52 -4.24
N LEU A 1399 -14.78 -37.50 -3.63
CA LEU A 1399 -14.01 -37.32 -2.40
C LEU A 1399 -12.54 -37.58 -2.70
N CYS A 1400 -11.71 -36.54 -2.53
CA CYS A 1400 -10.27 -36.63 -2.71
C CYS A 1400 -9.63 -36.76 -1.33
N GLU A 1401 -9.46 -38.00 -0.87
CA GLU A 1401 -8.99 -38.24 0.49
C GLU A 1401 -7.70 -39.05 0.47
N HIS A 1402 -6.76 -38.67 1.34
CA HIS A 1402 -5.49 -39.36 1.48
C HIS A 1402 -5.55 -40.52 2.47
N ARG A 1403 -6.51 -40.49 3.40
CA ARG A 1403 -6.58 -41.53 4.42
C ARG A 1403 -7.32 -42.75 3.89
N ILE A 1404 -6.86 -43.93 4.29
CA ILE A 1404 -7.31 -45.19 3.69
C ILE A 1404 -8.71 -45.58 4.17
N GLU A 1405 -9.12 -45.17 5.36
CA GLU A 1405 -10.42 -45.58 5.88
C GLU A 1405 -11.57 -44.94 5.12
N ALA A 1406 -11.41 -43.70 4.67
CA ALA A 1406 -12.48 -43.01 3.97
C ALA A 1406 -12.86 -43.70 2.67
N MET A 1407 -11.96 -44.49 2.11
CA MET A 1407 -12.23 -45.21 0.87
C MET A 1407 -13.08 -46.45 1.08
N LEU A 1408 -13.73 -46.61 2.24
CA LEU A 1408 -14.59 -47.74 2.47
C LEU A 1408 -16.05 -47.46 2.10
N GLU A 1409 -16.38 -46.22 1.77
CA GLU A 1409 -17.74 -45.86 1.41
C GLU A 1409 -17.95 -45.62 -0.07
N CYS A 1410 -16.87 -45.66 -0.87
CA CYS A 1410 -16.97 -45.26 -2.27
C CYS A 1410 -17.32 -46.46 -3.16
N GLN A 1411 -18.12 -46.19 -4.18
CA GLN A 1411 -18.49 -47.21 -5.16
C GLN A 1411 -17.58 -47.25 -6.38
N GLN A 1412 -16.93 -46.15 -6.74
CA GLN A 1412 -15.96 -46.17 -7.82
C GLN A 1412 -14.65 -45.55 -7.34
N PHE A 1413 -13.57 -45.81 -8.08
CA PHE A 1413 -12.27 -45.29 -7.71
C PHE A 1413 -11.55 -44.77 -8.94
N LEU A 1414 -10.90 -43.62 -8.80
CA LEU A 1414 -10.09 -43.04 -9.86
C LEU A 1414 -8.68 -42.81 -9.31
N VAL A 1415 -7.68 -43.23 -10.07
CA VAL A 1415 -6.28 -43.13 -9.67
C VAL A 1415 -5.54 -42.30 -10.70
N ILE A 1416 -4.84 -41.27 -10.24
CA ILE A 1416 -4.07 -40.39 -11.12
C ILE A 1416 -2.61 -40.79 -11.04
N GLU A 1417 -2.01 -41.09 -12.19
CA GLU A 1417 -0.59 -41.39 -12.23
C GLU A 1417 -0.10 -41.24 -13.68
N GLU A 1418 1.17 -40.87 -13.82
CA GLU A 1418 1.79 -40.60 -15.12
C GLU A 1418 0.92 -39.67 -15.97
N ASN A 1419 0.32 -38.68 -15.31
CA ASN A 1419 -0.52 -37.67 -15.96
C ASN A 1419 -1.69 -38.28 -16.70
N LYS A 1420 -2.24 -39.38 -16.19
CA LYS A 1420 -3.47 -39.93 -16.74
C LYS A 1420 -4.22 -40.68 -15.65
N VAL A 1421 -5.52 -40.88 -15.89
CA VAL A 1421 -6.46 -41.38 -14.90
C VAL A 1421 -6.89 -42.79 -15.28
N ARG A 1422 -6.79 -43.72 -14.34
CA ARG A 1422 -7.29 -45.08 -14.52
C ARG A 1422 -8.37 -45.36 -13.48
N GLN A 1423 -9.43 -46.03 -13.90
CA GLN A 1423 -10.61 -46.19 -13.07
C GLN A 1423 -10.84 -47.65 -12.70
N TYR A 1424 -11.42 -47.84 -11.52
CA TYR A 1424 -11.63 -49.15 -10.94
C TYR A 1424 -12.99 -49.19 -10.24
N ASP A 1425 -13.52 -50.40 -10.10
CA ASP A 1425 -14.77 -50.60 -9.38
C ASP A 1425 -14.53 -50.88 -7.90
N SER A 1426 -13.78 -51.94 -7.60
CA SER A 1426 -13.46 -52.31 -6.23
C SER A 1426 -12.12 -51.72 -5.81
N ILE A 1427 -11.89 -51.70 -4.50
CA ILE A 1427 -10.61 -51.24 -3.97
C ILE A 1427 -9.61 -52.38 -3.84
N GLN A 1428 -10.09 -53.63 -3.71
CA GLN A 1428 -9.17 -54.76 -3.67
C GLN A 1428 -8.38 -54.88 -4.96
N LYS A 1429 -9.07 -54.75 -6.11
CA LYS A 1429 -8.37 -54.74 -7.39
C LYS A 1429 -7.36 -53.60 -7.46
N LEU A 1430 -7.70 -52.46 -6.87
CA LEU A 1430 -6.77 -51.32 -6.86
C LEU A 1430 -5.51 -51.64 -6.06
N LEU A 1431 -5.68 -52.27 -4.90
CA LEU A 1431 -4.54 -52.43 -3.99
C LEU A 1431 -3.69 -53.65 -4.31
N ASN A 1432 -4.27 -54.70 -4.90
CA ASN A 1432 -3.47 -55.90 -5.17
C ASN A 1432 -2.39 -55.63 -6.21
N GLU A 1433 -2.56 -54.61 -7.05
CA GLU A 1433 -1.60 -54.32 -8.11
C GLU A 1433 -0.54 -53.32 -7.70
N ARG A 1434 -0.54 -52.87 -6.45
CA ARG A 1434 0.46 -51.93 -5.93
C ARG A 1434 1.03 -52.51 -4.65
N SER A 1435 2.06 -53.34 -4.79
CA SER A 1435 2.63 -54.03 -3.62
C SER A 1435 3.21 -53.04 -2.62
N LEU A 1436 3.99 -52.07 -3.10
CA LEU A 1436 4.62 -51.10 -2.19
C LEU A 1436 3.58 -50.27 -1.47
N PHE A 1437 2.58 -49.76 -2.20
CA PHE A 1437 1.52 -48.99 -1.56
C PHE A 1437 0.70 -49.84 -0.61
N ARG A 1438 0.40 -51.08 -0.98
CA ARG A 1438 -0.33 -51.99 -0.11
C ARG A 1438 0.45 -52.34 1.15
N GLN A 1439 1.78 -52.32 1.11
CA GLN A 1439 2.60 -52.60 2.28
C GLN A 1439 2.61 -51.45 3.29
N ALA A 1440 2.21 -50.25 2.88
CA ALA A 1440 2.30 -49.07 3.72
C ALA A 1440 1.11 -48.87 4.64
N ILE A 1441 0.14 -49.77 4.61
CA ILE A 1441 -1.10 -49.58 5.34
C ILE A 1441 -0.98 -50.14 6.75
N SER A 1442 -1.51 -49.40 7.72
CA SER A 1442 -1.45 -49.79 9.11
C SER A 1442 -2.32 -51.03 9.34
N PRO A 1443 -1.98 -51.84 10.36
CA PRO A 1443 -2.76 -53.06 10.62
C PRO A 1443 -4.23 -52.80 10.92
N SER A 1444 -4.54 -51.72 11.64
CA SER A 1444 -5.93 -51.42 11.93
C SER A 1444 -6.71 -51.15 10.65
N ASP A 1445 -6.11 -50.41 9.73
CA ASP A 1445 -6.71 -50.19 8.42
C ASP A 1445 -6.42 -51.32 7.44
N ARG A 1446 -5.65 -52.32 7.85
CA ARG A 1446 -5.41 -53.48 6.99
C ARG A 1446 -6.45 -54.56 7.22
N VAL A 1447 -6.88 -54.74 8.47
CA VAL A 1447 -7.85 -55.79 8.78
C VAL A 1447 -9.20 -55.52 8.12
N LYS A 1448 -9.57 -54.24 7.96
CA LYS A 1448 -10.88 -53.92 7.40
C LYS A 1448 -10.93 -54.15 5.89
N LEU A 1449 -9.84 -53.81 5.19
CA LEU A 1449 -9.81 -53.99 3.74
C LEU A 1449 -9.78 -55.47 3.37
N PHE A 1450 -9.05 -56.27 4.13
CA PHE A 1450 -8.91 -57.71 3.88
C PHE A 1450 -9.28 -58.46 5.16
N PRO A 1451 -10.58 -58.60 5.46
CA PRO A 1451 -11.03 -59.33 6.64
C PRO A 1451 -10.93 -60.85 6.46
N UNK B 1 26.08 -15.77 2.43
CA UNK B 1 25.90 -14.76 3.47
C UNK B 1 25.96 -13.36 2.89
N UNK B 2 25.15 -13.11 1.87
CA UNK B 2 25.10 -11.79 1.22
C UNK B 2 24.48 -10.79 2.18
N UNK B 3 25.32 -9.92 2.74
CA UNK B 3 24.90 -8.96 3.73
C UNK B 3 25.00 -7.51 3.24
N UNK B 4 25.11 -7.31 1.94
CA UNK B 4 25.18 -5.96 1.39
C UNK B 4 23.78 -5.43 1.13
N UNK B 5 23.47 -4.27 1.68
CA UNK B 5 22.20 -3.60 1.42
C UNK B 5 22.32 -2.61 0.27
N UNK B 6 22.88 -3.08 -0.85
CA UNK B 6 23.10 -2.25 -2.03
C UNK B 6 22.45 -2.93 -3.22
N UNK B 7 21.60 -2.20 -3.92
CA UNK B 7 20.91 -2.75 -5.08
C UNK B 7 21.89 -3.04 -6.20
N UNK B 8 21.67 -4.15 -6.90
CA UNK B 8 22.38 -4.46 -8.12
C UNK B 8 21.54 -4.06 -9.33
N UNK B 9 21.99 -4.46 -10.52
CA UNK B 9 21.18 -4.23 -11.72
C UNK B 9 20.03 -5.23 -11.79
N UNK B 10 20.29 -6.48 -11.41
CA UNK B 10 19.24 -7.50 -11.42
C UNK B 10 18.13 -7.16 -10.44
N UNK B 11 18.45 -6.49 -9.34
CA UNK B 11 17.41 -6.05 -8.41
C UNK B 11 16.48 -5.06 -9.07
N UNK B 12 17.03 -4.11 -9.83
CA UNK B 12 16.20 -3.16 -10.56
C UNK B 12 15.37 -3.86 -11.62
N UNK B 13 15.96 -4.84 -12.33
CA UNK B 13 15.21 -5.57 -13.33
C UNK B 13 14.03 -6.32 -12.71
N UNK B 14 14.26 -6.96 -11.57
CA UNK B 14 13.17 -7.65 -10.88
C UNK B 14 12.13 -6.69 -10.32
N UNK B 15 12.55 -5.49 -9.90
CA UNK B 15 11.61 -4.52 -9.36
C UNK B 15 10.70 -3.94 -10.45
N UNK B 16 11.28 -3.56 -11.59
CA UNK B 16 10.48 -2.95 -12.63
C UNK B 16 9.82 -4.00 -13.52
N UNK B 17 10.55 -5.03 -13.90
CA UNK B 17 10.08 -6.07 -14.81
C UNK B 17 9.50 -5.48 -16.10
#